data_8JMZ
#
_entry.id   8JMZ
#
_cell.length_a   211.458
_cell.length_b   49.873
_cell.length_c   66.691
_cell.angle_alpha   90.00
_cell.angle_beta   107.57
_cell.angle_gamma   90.00
#
_symmetry.space_group_name_H-M   'C 1 2 1'
#
loop_
_entity.id
_entity.type
_entity.pdbx_description
1 polymer 'Fibroblast growth factor receptor 1'
2 non-polymer Sulfatinib
3 non-polymer 'SULFATE ION'
4 non-polymer GLYCEROL
5 water water
#
_entity_poly.entity_id   1
_entity_poly.type   'polypeptide(L)'
_entity_poly.pdbx_seq_one_letter_code
;GPAGVSEYELPEDPRWELPRDRLVLGKPLGEGCFGQVVLAEAIGLDKDKPNRVTKVAVKMLKSDATEKDLSDLISEMEMM
KMIGKHKNIINLLGACTQDGPLYVIVEYASKGNLREYLQARRPPGLEYSYNPSHNPEEQLSSKDLVSCAYQVARGMEYLA
SKKCIHRDLAARNVLVTEDNVMKIADFGLARDIHHIDYYKKTTNGRLPVKWMAPEALFDRIYTHQSDVWSFGVLLWEIFT
LGGSPYPGVPVEELFKLLKEGHRMDKPSNCTNELYMMMRDCWHAVPSQRPTFKQLVEDLDRIVALTSNQE
;
_entity_poly.pdbx_strand_id   A,B
#
loop_
_chem_comp.id
_chem_comp.type
_chem_comp.name
_chem_comp.formula
GOL non-polymer GLYCEROL 'C3 H8 O3'
SO4 non-polymer 'SULFATE ION' 'O4 S -2'
UKI non-polymer Sulfatinib 'C24 H28 N6 O3 S'
#
# COMPACT_ATOMS: atom_id res chain seq x y z
N VAL A 5 -11.86 8.05 -46.15
CA VAL A 5 -11.53 9.44 -45.82
C VAL A 5 -12.69 10.14 -45.11
N SER A 6 -12.38 10.81 -44.00
CA SER A 6 -13.38 11.60 -43.28
C SER A 6 -13.94 12.77 -44.13
N GLU A 7 -15.23 13.07 -43.93
CA GLU A 7 -15.83 14.23 -44.56
C GLU A 7 -15.42 15.52 -43.85
N TYR A 8 -14.86 15.36 -42.66
CA TYR A 8 -14.51 16.48 -41.78
C TYR A 8 -13.04 16.87 -41.92
N GLU A 9 -12.71 18.07 -41.44
CA GLU A 9 -11.33 18.50 -41.47
C GLU A 9 -10.73 18.30 -40.07
N LEU A 10 -10.20 17.10 -39.81
CA LEU A 10 -9.52 16.80 -38.55
C LEU A 10 -8.15 17.54 -38.49
N PRO A 11 -7.89 18.22 -37.35
CA PRO A 11 -6.72 19.10 -37.19
C PRO A 11 -5.43 18.33 -36.91
N GLU A 12 -4.58 18.25 -37.93
CA GLU A 12 -3.27 17.60 -37.81
C GLU A 12 -2.23 18.52 -37.20
N ASP A 13 -1.65 18.07 -36.09
CA ASP A 13 -0.60 18.82 -35.42
C ASP A 13 0.65 17.96 -35.42
N PRO A 14 1.69 18.35 -36.20
CA PRO A 14 2.90 17.53 -36.32
C PRO A 14 3.60 17.21 -35.01
N ARG A 15 3.55 18.09 -34.03
CA ARG A 15 4.10 17.81 -32.70
C ARG A 15 3.43 16.60 -32.03
N TRP A 16 2.15 16.38 -32.29
CA TRP A 16 1.38 15.33 -31.61
C TRP A 16 1.00 14.08 -32.40
N GLU A 17 1.03 14.16 -33.73
CA GLU A 17 0.50 13.09 -34.58
C GLU A 17 1.36 11.83 -34.51
N LEU A 18 0.72 10.67 -34.38
CA LEU A 18 1.42 9.38 -34.38
C LEU A 18 0.85 8.51 -35.51
N PRO A 19 1.71 7.88 -36.38
CA PRO A 19 1.10 7.01 -37.40
C PRO A 19 0.33 5.90 -36.72
N ARG A 20 -0.87 5.56 -37.18
CA ARG A 20 -1.62 4.63 -36.35
C ARG A 20 -1.07 3.21 -36.45
N ASP A 21 -0.14 2.94 -37.36
CA ASP A 21 0.47 1.60 -37.32
C ASP A 21 1.54 1.51 -36.21
N ARG A 22 1.72 2.59 -35.44
CA ARG A 22 2.58 2.55 -34.25
C ARG A 22 1.81 2.21 -33.00
N LEU A 23 0.51 1.98 -33.17
CA LEU A 23 -0.35 1.63 -32.03
C LEU A 23 -0.77 0.19 -32.12
N VAL A 24 -0.47 -0.59 -31.10
CA VAL A 24 -0.99 -1.95 -31.06
C VAL A 24 -2.16 -2.01 -30.05
N LEU A 25 -3.37 -2.00 -30.59
CA LEU A 25 -4.56 -1.87 -29.76
C LEU A 25 -4.76 -3.12 -28.92
N GLY A 26 -5.22 -2.92 -27.69
CA GLY A 26 -5.34 -3.98 -26.71
C GLY A 26 -6.76 -3.96 -26.18
N LYS A 27 -6.91 -4.34 -24.93
CA LYS A 27 -8.22 -4.55 -24.32
C LYS A 27 -8.98 -3.24 -24.09
N PRO A 28 -10.33 -3.32 -24.07
CA PRO A 28 -11.19 -2.19 -23.66
C PRO A 28 -10.89 -1.82 -22.22
N LEU A 29 -10.91 -0.53 -21.92
CA LEU A 29 -10.73 -0.12 -20.54
C LEU A 29 -12.09 0.28 -20.02
N GLY A 30 -12.78 1.07 -20.81
CA GLY A 30 -14.11 1.50 -20.43
C GLY A 30 -14.84 1.96 -21.66
N GLU A 31 -16.16 1.94 -21.58
CA GLU A 31 -17.01 2.44 -22.64
C GLU A 31 -18.08 3.32 -22.01
N GLY A 32 -18.36 4.45 -22.64
CA GLY A 32 -19.48 5.30 -22.27
C GLY A 32 -20.39 5.51 -23.46
N CYS A 33 -21.27 6.49 -23.37
CA CYS A 33 -22.14 6.81 -24.49
C CYS A 33 -21.39 7.68 -25.50
N PHE A 34 -20.21 8.16 -25.10
CA PHE A 34 -19.33 8.98 -25.95
C PHE A 34 -18.63 8.15 -27.02
N GLY A 35 -18.10 7.01 -26.59
CA GLY A 35 -17.28 6.17 -27.44
C GLY A 35 -16.57 5.20 -26.52
N GLN A 36 -15.29 4.96 -26.77
CA GLN A 36 -14.61 3.99 -25.93
C GLN A 36 -13.15 4.32 -25.75
N VAL A 37 -12.64 3.81 -24.65
CA VAL A 37 -11.24 3.90 -24.31
C VAL A 37 -10.65 2.47 -24.30
N VAL A 38 -9.56 2.29 -25.04
CA VAL A 38 -8.85 1.02 -25.04
C VAL A 38 -7.40 1.19 -24.59
N LEU A 39 -6.83 0.13 -24.03
CA LEU A 39 -5.41 0.11 -23.73
C LEU A 39 -4.61 -0.16 -25.01
N ALA A 40 -3.44 0.45 -25.16
CA ALA A 40 -2.65 0.15 -26.37
C ALA A 40 -1.21 0.22 -26.02
N GLU A 41 -0.41 -0.38 -26.89
CA GLU A 41 1.03 -0.22 -26.84
C GLU A 41 1.45 0.69 -27.98
N ALA A 42 2.18 1.75 -27.66
CA ALA A 42 2.65 2.69 -28.69
C ALA A 42 4.11 2.49 -28.95
N ILE A 43 4.50 2.34 -30.22
CA ILE A 43 5.90 2.14 -30.53
C ILE A 43 6.58 3.45 -30.91
N GLY A 44 7.63 3.81 -30.21
CA GLY A 44 8.38 5.02 -30.54
C GLY A 44 7.56 6.28 -30.32
N LEU A 45 6.81 6.29 -29.24
CA LEU A 45 6.01 7.43 -28.87
C LEU A 45 6.94 8.61 -28.61
N ASP A 46 8.06 8.32 -27.94
CA ASP A 46 9.11 9.30 -27.76
C ASP A 46 10.10 9.17 -28.93
N LYS A 47 10.13 10.20 -29.78
CA LYS A 47 10.96 10.29 -30.97
C LYS A 47 12.42 9.88 -30.77
N ASP A 48 13.00 10.25 -29.63
CA ASP A 48 14.37 9.86 -29.31
C ASP A 48 14.51 8.41 -28.83
N LYS A 49 13.39 7.69 -28.73
CA LYS A 49 13.40 6.29 -28.31
C LYS A 49 12.45 5.49 -29.20
N PRO A 50 12.80 5.38 -30.49
CA PRO A 50 11.93 4.81 -31.51
C PRO A 50 11.67 3.31 -31.30
N ASN A 51 12.55 2.63 -30.57
CA ASN A 51 12.40 1.19 -30.43
C ASN A 51 11.72 0.78 -29.12
N ARG A 52 11.10 1.72 -28.43
CA ARG A 52 10.53 1.37 -27.11
C ARG A 52 9.01 1.35 -27.19
N VAL A 53 8.39 0.54 -26.35
CA VAL A 53 6.94 0.44 -26.29
C VAL A 53 6.45 1.15 -25.04
N THR A 54 5.37 1.93 -25.18
CA THR A 54 4.70 2.59 -24.08
C THR A 54 3.23 2.19 -24.00
N LYS A 55 2.79 1.69 -22.85
CA LYS A 55 1.36 1.46 -22.63
C LYS A 55 0.63 2.80 -22.51
N VAL A 56 -0.49 2.94 -23.22
CA VAL A 56 -1.25 4.19 -23.31
C VAL A 56 -2.72 3.85 -23.37
N ALA A 57 -3.56 4.87 -23.11
CA ALA A 57 -4.99 4.72 -23.23
C ALA A 57 -5.39 5.49 -24.43
N VAL A 58 -6.27 4.91 -25.25
CA VAL A 58 -6.67 5.52 -26.49
C VAL A 58 -8.17 5.75 -26.50
N LYS A 59 -8.58 7.00 -26.62
CA LYS A 59 -10.00 7.32 -26.72
C LYS A 59 -10.43 7.47 -28.18
N MET A 60 -11.60 6.93 -28.52
CA MET A 60 -12.12 6.95 -29.88
C MET A 60 -13.63 7.01 -29.81
N LEU A 61 -14.27 7.46 -30.90
CA LEU A 61 -15.73 7.55 -30.92
C LEU A 61 -16.38 6.21 -31.26
N LYS A 62 -17.59 6.01 -30.76
CA LYS A 62 -18.41 4.87 -31.14
C LYS A 62 -18.78 4.98 -32.63
N SER A 63 -19.29 3.90 -33.21
CA SER A 63 -19.66 3.93 -34.62
C SER A 63 -20.89 4.79 -34.80
N ASP A 64 -21.74 4.82 -33.75
CA ASP A 64 -22.95 5.62 -33.75
C ASP A 64 -22.75 7.14 -33.62
N ALA A 65 -21.53 7.62 -33.82
CA ALA A 65 -21.12 8.94 -33.35
C ALA A 65 -21.55 10.04 -34.29
N THR A 66 -21.98 11.16 -33.72
CA THR A 66 -22.46 12.26 -34.52
C THR A 66 -21.34 13.26 -34.78
N GLU A 67 -21.67 14.30 -35.50
CA GLU A 67 -20.74 15.39 -35.71
C GLU A 67 -20.44 16.18 -34.42
N LYS A 68 -21.41 16.29 -33.51
CA LYS A 68 -21.14 17.03 -32.29
C LYS A 68 -20.18 16.23 -31.38
N ASP A 69 -20.37 14.91 -31.34
CA ASP A 69 -19.46 13.99 -30.66
C ASP A 69 -18.00 14.14 -31.10
N LEU A 70 -17.81 14.18 -32.41
CA LEU A 70 -16.50 14.40 -33.00
C LEU A 70 -15.94 15.73 -32.53
N SER A 71 -16.74 16.77 -32.70
CA SER A 71 -16.37 18.11 -32.25
C SER A 71 -16.02 18.14 -30.76
N ASP A 72 -16.78 17.38 -29.95
CA ASP A 72 -16.49 17.29 -28.54
C ASP A 72 -15.13 16.63 -28.31
N LEU A 73 -14.82 15.54 -29.00
CA LEU A 73 -13.55 14.85 -28.77
C LEU A 73 -12.35 15.71 -29.19
N ILE A 74 -12.46 16.36 -30.34
CA ILE A 74 -11.44 17.31 -30.79
C ILE A 74 -11.22 18.39 -29.73
N SER A 75 -12.32 18.92 -29.25
CA SER A 75 -12.30 19.91 -28.19
C SER A 75 -11.55 19.44 -26.93
N GLU A 76 -11.88 18.25 -26.42
CA GLU A 76 -11.10 17.71 -25.30
C GLU A 76 -9.57 17.69 -25.62
N MET A 77 -9.20 17.21 -26.80
CA MET A 77 -7.79 17.13 -27.18
C MET A 77 -7.12 18.51 -27.18
N GLU A 78 -7.78 19.47 -27.78
CA GLU A 78 -7.18 20.79 -27.92
C GLU A 78 -7.11 21.50 -26.56
N MET A 79 -8.13 21.33 -25.73
CA MET A 79 -8.11 21.88 -24.39
C MET A 79 -6.94 21.33 -23.59
N MET A 80 -6.70 20.02 -23.71
CA MET A 80 -5.54 19.42 -23.03
C MET A 80 -4.22 20.03 -23.47
N LYS A 81 -4.05 20.27 -24.78
CA LYS A 81 -2.85 20.95 -25.25
C LYS A 81 -2.68 22.31 -24.59
N MET A 82 -3.77 23.06 -24.51
CA MET A 82 -3.68 24.40 -23.94
C MET A 82 -3.39 24.39 -22.44
N ILE A 83 -3.95 23.42 -21.73
CA ILE A 83 -3.78 23.36 -20.27
C ILE A 83 -2.34 22.96 -19.91
N GLY A 84 -1.75 22.09 -20.72
CA GLY A 84 -0.35 21.69 -20.51
C GLY A 84 -0.26 20.56 -19.51
N LYS A 85 0.95 20.14 -19.18
CA LYS A 85 1.17 18.90 -18.41
C LYS A 85 1.29 19.14 -16.93
N HIS A 86 0.82 18.18 -16.15
CA HIS A 86 1.04 18.17 -14.70
C HIS A 86 1.03 16.73 -14.26
N LYS A 87 1.83 16.41 -13.24
CA LYS A 87 1.93 15.05 -12.76
C LYS A 87 0.59 14.47 -12.30
N ASN A 88 -0.30 15.32 -11.79
CA ASN A 88 -1.51 14.80 -11.19
C ASN A 88 -2.74 14.99 -12.05
N ILE A 89 -2.54 15.01 -13.37
CA ILE A 89 -3.66 14.95 -14.31
C ILE A 89 -3.33 13.94 -15.39
N ILE A 90 -4.36 13.43 -16.03
CA ILE A 90 -4.16 12.56 -17.19
C ILE A 90 -3.66 13.40 -18.38
N ASN A 91 -2.43 13.19 -18.79
CA ASN A 91 -1.84 14.00 -19.88
C ASN A 91 -1.95 13.42 -21.28
N LEU A 92 -2.05 14.33 -22.24
CA LEU A 92 -2.08 14.00 -23.65
C LEU A 92 -0.73 13.52 -24.06
N LEU A 93 -0.68 12.50 -24.93
CA LEU A 93 0.58 11.91 -25.40
C LEU A 93 0.68 11.93 -26.93
N GLY A 94 -0.46 12.00 -27.63
CA GLY A 94 -0.42 11.98 -29.07
C GLY A 94 -1.81 11.88 -29.62
N ALA A 95 -1.91 11.78 -30.94
CA ALA A 95 -3.21 11.65 -31.60
C ALA A 95 -3.01 11.03 -32.98
N CYS A 96 -4.01 10.31 -33.44
CA CYS A 96 -4.08 9.84 -34.83
C CYS A 96 -5.26 10.52 -35.49
N THR A 97 -5.00 11.46 -36.39
CA THR A 97 -6.09 12.24 -37.01
C THR A 97 -6.21 11.92 -38.48
N GLN A 98 -5.20 11.25 -39.00
CA GLN A 98 -5.13 10.92 -40.41
C GLN A 98 -5.26 9.42 -40.60
N ASP A 99 -5.84 9.03 -41.73
CA ASP A 99 -5.87 7.62 -42.15
C ASP A 99 -6.76 6.69 -41.31
N GLY A 100 -7.83 7.24 -40.73
CA GLY A 100 -8.79 6.46 -39.97
C GLY A 100 -9.51 7.34 -38.97
N PRO A 101 -10.31 6.76 -38.07
CA PRO A 101 -11.08 7.55 -37.11
C PRO A 101 -10.14 8.26 -36.13
N LEU A 102 -10.63 9.34 -35.55
CA LEU A 102 -9.85 10.08 -34.57
C LEU A 102 -9.52 9.22 -33.35
N TYR A 103 -8.23 9.13 -33.04
CA TYR A 103 -7.74 8.58 -31.77
C TYR A 103 -7.09 9.65 -30.92
N VAL A 104 -7.47 9.77 -29.64
CA VAL A 104 -6.73 10.66 -28.72
C VAL A 104 -6.00 9.81 -27.68
N ILE A 105 -4.68 9.99 -27.62
CA ILE A 105 -3.81 9.07 -26.86
C ILE A 105 -3.37 9.75 -25.58
N VAL A 106 -3.61 9.10 -24.44
CA VAL A 106 -3.30 9.75 -23.18
C VAL A 106 -2.51 8.81 -22.27
N GLU A 107 -1.93 9.34 -21.19
CA GLU A 107 -1.31 8.49 -20.17
C GLU A 107 -2.24 7.37 -19.69
N TYR A 108 -1.67 6.19 -19.43
CA TYR A 108 -2.43 5.03 -18.97
C TYR A 108 -2.30 4.93 -17.47
N ALA A 109 -3.44 4.82 -16.79
CA ALA A 109 -3.49 4.61 -15.35
C ALA A 109 -3.93 3.19 -15.11
N SER A 110 -3.00 2.30 -14.77
CA SER A 110 -3.33 0.87 -14.77
C SER A 110 -4.29 0.42 -13.66
N LYS A 111 -4.37 1.19 -12.57
CA LYS A 111 -5.16 0.71 -11.44
C LYS A 111 -6.58 1.28 -11.46
N GLY A 112 -6.98 1.95 -12.53
CA GLY A 112 -8.39 2.34 -12.68
C GLY A 112 -8.79 3.52 -11.81
N ASN A 113 -10.09 3.71 -11.58
CA ASN A 113 -10.52 4.92 -10.91
C ASN A 113 -10.39 4.78 -9.40
N LEU A 114 -10.28 5.92 -8.74
CA LEU A 114 -9.99 5.95 -7.31
C LEU A 114 -11.08 5.29 -6.45
N ARG A 115 -12.34 5.45 -6.83
CA ARG A 115 -13.40 4.85 -5.99
C ARG A 115 -13.22 3.33 -5.92
N GLU A 116 -13.05 2.69 -7.08
CA GLU A 116 -12.93 1.23 -7.12
C GLU A 116 -11.59 0.76 -6.55
N TYR A 117 -10.57 1.59 -6.70
CA TYR A 117 -9.25 1.31 -6.14
C TYR A 117 -9.33 1.26 -4.60
N LEU A 118 -10.03 2.24 -4.03
CA LEU A 118 -10.16 2.29 -2.57
C LEU A 118 -11.06 1.19 -2.04
N GLN A 119 -12.18 0.96 -2.72
CA GLN A 119 -13.10 -0.12 -2.31
C GLN A 119 -12.40 -1.50 -2.25
N ALA A 120 -11.51 -1.75 -3.20
CA ALA A 120 -10.81 -3.06 -3.23
C ALA A 120 -9.74 -3.16 -2.16
N ARG A 121 -9.45 -2.04 -1.50
CA ARG A 121 -8.46 -2.00 -0.43
C ARG A 121 -9.10 -1.81 0.94
N ARG A 122 -10.41 -2.03 1.02
CA ARG A 122 -11.11 -1.96 2.29
C ARG A 122 -10.72 -3.12 3.22
N PRO A 123 -10.24 -2.80 4.41
CA PRO A 123 -10.06 -3.90 5.38
C PRO A 123 -11.42 -4.29 5.98
N PRO A 124 -11.51 -5.51 6.55
CA PRO A 124 -12.72 -5.95 7.29
C PRO A 124 -12.99 -5.08 8.52
N GLY A 125 -14.21 -5.12 9.02
CA GLY A 125 -14.45 -4.55 10.34
C GLY A 125 -15.44 -3.41 10.31
N LEU A 126 -15.47 -2.64 11.38
CA LEU A 126 -16.58 -1.72 11.62
C LEU A 126 -16.49 -0.39 10.88
N GLU A 127 -15.29 0.09 10.56
CA GLU A 127 -15.14 1.45 10.02
C GLU A 127 -15.53 1.59 8.55
N TYR A 128 -15.57 0.50 7.79
CA TYR A 128 -15.92 0.62 6.38
C TYR A 128 -16.98 -0.39 5.97
N SER A 129 -17.71 -0.10 4.89
CA SER A 129 -18.59 -1.10 4.29
C SER A 129 -17.73 -2.24 3.75
N TYR A 130 -18.36 -3.31 3.27
CA TYR A 130 -17.61 -4.50 2.87
C TYR A 130 -16.79 -4.24 1.62
N ASN A 131 -15.73 -5.02 1.49
CA ASN A 131 -14.87 -5.01 0.33
C ASN A 131 -15.50 -5.84 -0.79
N PRO A 132 -15.87 -5.19 -1.89
CA PRO A 132 -16.60 -5.94 -2.93
C PRO A 132 -15.67 -6.62 -3.94
N SER A 133 -14.37 -6.54 -3.72
CA SER A 133 -13.42 -7.07 -4.70
C SER A 133 -13.18 -8.55 -4.44
N HIS A 134 -13.13 -9.31 -5.52
CA HIS A 134 -12.78 -10.72 -5.40
C HIS A 134 -11.26 -10.86 -5.53
N ASN A 135 -10.59 -9.76 -5.82
CA ASN A 135 -9.13 -9.71 -5.73
C ASN A 135 -8.67 -8.54 -4.86
N PRO A 136 -8.98 -8.59 -3.55
CA PRO A 136 -8.70 -7.46 -2.67
C PRO A 136 -7.18 -7.21 -2.56
N GLU A 137 -6.78 -5.96 -2.37
CA GLU A 137 -5.37 -5.59 -2.30
C GLU A 137 -5.03 -5.07 -0.91
N GLU A 138 -3.74 -4.92 -0.61
CA GLU A 138 -3.30 -4.50 0.74
C GLU A 138 -3.92 -3.14 1.10
N GLN A 139 -4.39 -3.00 2.33
CA GLN A 139 -5.01 -1.77 2.75
C GLN A 139 -3.98 -0.64 2.76
N LEU A 140 -4.47 0.58 2.56
CA LEU A 140 -3.60 1.74 2.58
C LEU A 140 -3.37 2.22 3.99
N SER A 141 -2.27 2.95 4.19
CA SER A 141 -1.97 3.59 5.49
C SER A 141 -2.73 4.89 5.61
N SER A 142 -2.83 5.43 6.84
CA SER A 142 -3.46 6.72 7.04
C SER A 142 -2.77 7.78 6.18
N LYS A 143 -1.44 7.73 6.17
CA LYS A 143 -0.67 8.67 5.37
C LYS A 143 -0.98 8.54 3.87
N ASP A 144 -1.13 7.31 3.40
CA ASP A 144 -1.47 7.07 1.98
C ASP A 144 -2.76 7.79 1.62
N LEU A 145 -3.75 7.76 2.51
CA LEU A 145 -5.04 8.35 2.20
C LEU A 145 -4.93 9.87 2.13
N VAL A 146 -4.22 10.46 3.08
CA VAL A 146 -4.06 11.91 3.02
C VAL A 146 -3.23 12.27 1.77
N SER A 147 -2.29 11.42 1.42
CA SER A 147 -1.48 11.67 0.23
C SER A 147 -2.32 11.59 -1.07
N CYS A 148 -3.33 10.70 -1.13
CA CYS A 148 -4.26 10.70 -2.27
C CYS A 148 -4.93 12.05 -2.37
N ALA A 149 -5.41 12.55 -1.22
CA ALA A 149 -6.11 13.83 -1.22
C ALA A 149 -5.21 14.99 -1.64
N TYR A 150 -3.99 14.97 -1.13
CA TYR A 150 -3.02 15.97 -1.43
C TYR A 150 -2.71 16.03 -2.95
N GLN A 151 -2.51 14.86 -3.55
CA GLN A 151 -2.20 14.79 -4.98
C GLN A 151 -3.35 15.30 -5.83
N VAL A 152 -4.57 14.96 -5.47
CA VAL A 152 -5.72 15.47 -6.21
C VAL A 152 -5.81 17.01 -6.07
N ALA A 153 -5.57 17.51 -4.86
CA ALA A 153 -5.56 18.97 -4.60
C ALA A 153 -4.50 19.67 -5.45
N ARG A 154 -3.36 19.01 -5.58
CA ARG A 154 -2.26 19.56 -6.34
C ARG A 154 -2.62 19.61 -7.82
N GLY A 155 -3.26 18.55 -8.32
CA GLY A 155 -3.75 18.55 -9.70
C GLY A 155 -4.81 19.65 -9.95
N MET A 156 -5.74 19.82 -9.01
CA MET A 156 -6.76 20.86 -9.16
C MET A 156 -6.18 22.26 -9.05
N GLU A 157 -5.17 22.43 -8.19
CA GLU A 157 -4.49 23.71 -8.09
C GLU A 157 -3.85 24.07 -9.42
N TYR A 158 -3.26 23.07 -10.05
CA TYR A 158 -2.69 23.29 -11.40
C TYR A 158 -3.78 23.65 -12.42
N LEU A 159 -4.86 22.84 -12.47
CA LEU A 159 -5.93 23.10 -13.42
C LEU A 159 -6.55 24.48 -13.21
N ALA A 160 -6.77 24.84 -11.94
CA ALA A 160 -7.35 26.15 -11.62
C ALA A 160 -6.44 27.26 -12.10
N SER A 161 -5.14 27.06 -11.95
CA SER A 161 -4.15 28.05 -12.36
C SER A 161 -4.17 28.24 -13.88
N LYS A 162 -4.66 27.23 -14.60
CA LYS A 162 -4.77 27.30 -16.06
C LYS A 162 -6.21 27.67 -16.46
N LYS A 163 -6.99 28.14 -15.48
CA LYS A 163 -8.38 28.57 -15.64
C LYS A 163 -9.30 27.45 -16.13
N CYS A 164 -9.01 26.22 -15.73
CA CYS A 164 -9.86 25.09 -16.05
C CYS A 164 -10.78 24.81 -14.86
N ILE A 165 -12.09 24.86 -15.08
CA ILE A 165 -13.07 24.41 -14.08
C ILE A 165 -13.50 23.01 -14.47
N HIS A 166 -13.34 22.06 -13.56
CA HIS A 166 -13.61 20.67 -13.89
C HIS A 166 -15.13 20.40 -14.04
N ARG A 167 -15.90 20.81 -13.02
CA ARG A 167 -17.38 20.70 -12.97
C ARG A 167 -17.94 19.31 -12.62
N ASP A 168 -17.09 18.30 -12.49
CA ASP A 168 -17.57 16.98 -12.02
C ASP A 168 -16.43 16.24 -11.32
N LEU A 169 -15.76 16.93 -10.38
CA LEU A 169 -14.65 16.34 -9.67
C LEU A 169 -15.20 15.31 -8.67
N ALA A 170 -14.79 14.05 -8.80
CA ALA A 170 -15.36 12.97 -8.01
C ALA A 170 -14.35 11.86 -8.01
N ALA A 171 -14.44 10.95 -7.05
CA ALA A 171 -13.45 9.87 -7.02
C ALA A 171 -13.47 9.06 -8.30
N ARG A 172 -14.63 8.96 -8.95
CA ARG A 172 -14.74 8.18 -10.22
C ARG A 172 -13.94 8.88 -11.34
N ASN A 173 -13.65 10.16 -11.20
CA ASN A 173 -12.91 10.91 -12.19
C ASN A 173 -11.47 11.15 -11.75
N VAL A 174 -10.99 10.33 -10.82
CA VAL A 174 -9.57 10.31 -10.49
C VAL A 174 -9.08 8.92 -10.83
N LEU A 175 -8.02 8.83 -11.62
CA LEU A 175 -7.48 7.54 -12.00
C LEU A 175 -6.15 7.32 -11.29
N VAL A 176 -5.77 6.05 -11.11
CA VAL A 176 -4.58 5.70 -10.34
C VAL A 176 -3.57 4.90 -11.21
N THR A 177 -2.32 5.35 -11.25
CA THR A 177 -1.34 4.70 -12.10
C THR A 177 -0.72 3.50 -11.39
N GLU A 178 0.13 2.79 -12.13
CA GLU A 178 0.82 1.61 -11.62
C GLU A 178 1.66 1.98 -10.42
N ASP A 179 2.17 3.20 -10.42
CA ASP A 179 2.98 3.65 -9.28
C ASP A 179 2.13 4.36 -8.23
N ASN A 180 0.81 4.18 -8.28
CA ASN A 180 -0.15 4.79 -7.32
C ASN A 180 -0.17 6.30 -7.33
N VAL A 181 0.14 6.90 -8.48
CA VAL A 181 0.00 8.34 -8.62
C VAL A 181 -1.45 8.67 -8.96
N MET A 182 -2.01 9.68 -8.31
CA MET A 182 -3.39 10.08 -8.59
C MET A 182 -3.39 10.97 -9.81
N LYS A 183 -4.27 10.71 -10.76
CA LYS A 183 -4.37 11.59 -11.94
C LYS A 183 -5.83 11.96 -12.24
N ILE A 184 -6.12 13.25 -12.22
CA ILE A 184 -7.44 13.76 -12.55
C ILE A 184 -7.75 13.52 -14.02
N ALA A 185 -8.94 12.97 -14.26
CA ALA A 185 -9.45 12.70 -15.59
C ALA A 185 -10.64 13.56 -15.95
N ASP A 186 -10.93 13.63 -17.24
CA ASP A 186 -12.15 14.26 -17.74
C ASP A 186 -12.23 15.73 -17.39
N PHE A 187 -11.08 16.40 -17.25
CA PHE A 187 -11.03 17.83 -16.95
C PHE A 187 -11.17 18.66 -18.22
N GLY A 188 -11.03 18.02 -19.37
CA GLY A 188 -11.10 18.77 -20.61
C GLY A 188 -12.41 18.64 -21.36
N LEU A 189 -13.44 18.09 -20.71
CA LEU A 189 -14.70 17.76 -21.38
C LEU A 189 -15.50 19.00 -21.73
N ALA A 190 -16.16 19.00 -22.89
CA ALA A 190 -16.95 20.17 -23.29
C ALA A 190 -18.15 20.33 -22.34
N ARG A 191 -18.53 21.55 -22.02
CA ARG A 191 -19.74 21.75 -21.19
C ARG A 191 -20.96 21.68 -22.08
N ASP A 192 -21.89 20.77 -21.75
CA ASP A 192 -23.13 20.65 -22.54
C ASP A 192 -23.82 22.01 -22.66
N ILE A 193 -24.38 22.29 -23.83
CA ILE A 193 -25.02 23.57 -24.07
C ILE A 193 -26.54 23.51 -23.70
N HIS A 194 -27.04 22.31 -23.45
CA HIS A 194 -28.43 22.13 -23.00
C HIS A 194 -28.51 22.03 -21.49
N HIS A 195 -29.71 22.21 -20.94
CA HIS A 195 -29.94 21.96 -19.52
C HIS A 195 -29.78 20.47 -19.25
N ILE A 196 -29.38 20.14 -18.02
CA ILE A 196 -29.05 18.78 -17.67
C ILE A 196 -30.25 18.09 -16.99
N ASP A 197 -30.25 16.75 -17.00
CA ASP A 197 -31.17 15.93 -16.22
C ASP A 197 -30.52 15.55 -14.89
N TYR A 198 -31.03 16.07 -13.79
CA TYR A 198 -30.46 15.77 -12.48
C TYR A 198 -30.66 14.35 -11.99
N TYR A 199 -31.55 13.60 -12.63
CA TYR A 199 -31.87 12.27 -12.13
C TYR A 199 -31.34 11.18 -13.05
N LYS A 200 -30.54 11.55 -14.02
CA LYS A 200 -30.00 10.60 -14.97
C LYS A 200 -28.63 10.10 -14.53
N LYS A 201 -28.50 8.77 -14.34
CA LYS A 201 -27.25 8.17 -13.92
C LYS A 201 -26.25 8.11 -15.05
N THR A 202 -24.98 8.23 -14.69
CA THR A 202 -23.88 7.99 -15.64
C THR A 202 -23.94 6.55 -16.14
N THR A 203 -23.11 6.23 -17.14
CA THR A 203 -23.03 4.86 -17.64
C THR A 203 -22.55 3.91 -16.53
N ASN A 204 -21.87 4.45 -15.50
CA ASN A 204 -21.39 3.64 -14.37
C ASN A 204 -22.28 3.76 -13.12
N GLY A 205 -23.47 4.33 -13.27
CA GLY A 205 -24.47 4.29 -12.20
C GLY A 205 -24.40 5.43 -11.20
N ARG A 206 -23.54 6.42 -11.45
CA ARG A 206 -23.35 7.52 -10.50
C ARG A 206 -24.34 8.67 -10.76
N LEU A 207 -24.75 9.38 -9.71
CA LEU A 207 -25.58 10.57 -9.89
C LEU A 207 -24.74 11.83 -9.62
N PRO A 208 -24.25 12.48 -10.69
CA PRO A 208 -23.36 13.64 -10.53
C PRO A 208 -23.92 14.77 -9.69
N VAL A 209 -25.24 14.80 -9.50
CA VAL A 209 -25.84 15.83 -8.67
C VAL A 209 -25.25 15.82 -7.27
N LYS A 210 -24.75 14.67 -6.78
CA LYS A 210 -24.27 14.60 -5.40
C LYS A 210 -22.90 15.28 -5.19
N TRP A 211 -22.25 15.67 -6.28
CA TRP A 211 -20.98 16.41 -6.16
C TRP A 211 -21.15 17.91 -6.44
N MET A 212 -22.35 18.34 -6.80
CA MET A 212 -22.57 19.74 -7.18
C MET A 212 -22.68 20.67 -5.99
N ALA A 213 -21.91 21.76 -6.00
CA ALA A 213 -22.15 22.83 -5.03
C ALA A 213 -23.60 23.34 -5.19
N PRO A 214 -24.17 23.89 -4.11
CA PRO A 214 -25.58 24.36 -4.14
C PRO A 214 -25.83 25.37 -5.25
N GLU A 215 -24.88 26.28 -5.48
CA GLU A 215 -25.08 27.28 -6.55
C GLU A 215 -25.04 26.61 -7.95
N ALA A 216 -24.34 25.47 -8.06
CA ALA A 216 -24.36 24.72 -9.32
C ALA A 216 -25.70 23.98 -9.46
N LEU A 217 -26.11 23.37 -8.36
CA LEU A 217 -27.38 22.68 -8.28
C LEU A 217 -28.57 23.58 -8.65
N PHE A 218 -28.61 24.73 -7.99
CA PHE A 218 -29.73 25.65 -8.04
C PHE A 218 -29.70 26.52 -9.28
N ASP A 219 -28.54 27.09 -9.60
CA ASP A 219 -28.45 28.11 -10.66
C ASP A 219 -27.44 27.80 -11.77
N ARG A 220 -26.87 26.58 -11.75
CA ARG A 220 -25.96 26.12 -12.77
C ARG A 220 -24.70 27.00 -12.85
N ILE A 221 -24.34 27.59 -11.72
CA ILE A 221 -23.13 28.39 -11.65
C ILE A 221 -21.96 27.52 -11.23
N TYR A 222 -20.97 27.40 -12.10
CA TYR A 222 -19.77 26.61 -11.83
C TYR A 222 -18.52 27.50 -11.80
N THR A 223 -17.72 27.40 -10.75
CA THR A 223 -16.53 28.23 -10.60
C THR A 223 -15.47 27.36 -9.98
N HIS A 224 -14.28 27.89 -9.74
CA HIS A 224 -13.28 27.14 -8.98
C HIS A 224 -13.81 26.86 -7.60
N GLN A 225 -14.64 27.76 -7.06
CA GLN A 225 -15.20 27.56 -5.71
C GLN A 225 -16.15 26.36 -5.66
N SER A 226 -16.88 26.12 -6.74
CA SER A 226 -17.79 25.00 -6.75
C SER A 226 -17.01 23.71 -6.94
N ASP A 227 -15.85 23.77 -7.59
CA ASP A 227 -14.96 22.58 -7.64
C ASP A 227 -14.39 22.25 -6.25
N VAL A 228 -14.06 23.26 -5.45
CA VAL A 228 -13.63 23.03 -4.06
C VAL A 228 -14.72 22.32 -3.25
N TRP A 229 -15.98 22.69 -3.50
CA TRP A 229 -17.09 21.97 -2.83
C TRP A 229 -17.02 20.48 -3.18
N SER A 230 -16.87 20.15 -4.47
CA SER A 230 -16.74 18.75 -4.93
C SER A 230 -15.56 18.04 -4.32
N PHE A 231 -14.44 18.76 -4.21
CA PHE A 231 -13.25 18.20 -3.56
C PHE A 231 -13.58 17.83 -2.12
N GLY A 232 -14.39 18.64 -1.44
CA GLY A 232 -14.88 18.22 -0.12
C GLY A 232 -15.65 16.90 -0.17
N VAL A 233 -16.54 16.74 -1.15
CA VAL A 233 -17.22 15.45 -1.34
C VAL A 233 -16.19 14.33 -1.63
N LEU A 234 -15.22 14.61 -2.50
CA LEU A 234 -14.16 13.63 -2.81
C LEU A 234 -13.38 13.24 -1.56
N LEU A 235 -13.08 14.23 -0.71
CA LEU A 235 -12.45 13.92 0.60
C LEU A 235 -13.27 12.89 1.35
N TRP A 236 -14.57 13.10 1.40
CA TRP A 236 -15.47 12.17 2.12
C TRP A 236 -15.41 10.77 1.47
N GLU A 237 -15.35 10.73 0.14
CA GLU A 237 -15.17 9.45 -0.59
C GLU A 237 -13.87 8.74 -0.23
N ILE A 238 -12.79 9.50 -0.09
CA ILE A 238 -11.51 8.89 0.30
C ILE A 238 -11.58 8.26 1.70
N PHE A 239 -12.13 8.98 2.67
CA PHE A 239 -12.05 8.46 4.02
C PHE A 239 -13.17 7.47 4.34
N THR A 240 -14.08 7.25 3.39
CA THR A 240 -14.99 6.10 3.42
C THR A 240 -14.46 4.99 2.51
N LEU A 241 -13.26 5.17 1.98
CA LEU A 241 -12.68 4.23 1.02
C LEU A 241 -13.66 3.89 -0.10
N GLY A 242 -14.09 4.92 -0.82
CA GLY A 242 -14.99 4.70 -1.94
C GLY A 242 -16.47 4.66 -1.58
N GLY A 243 -16.85 5.28 -0.48
CA GLY A 243 -18.28 5.29 -0.10
C GLY A 243 -19.15 6.12 -1.03
N SER A 244 -20.46 5.88 -0.97
CA SER A 244 -21.42 6.63 -1.80
C SER A 244 -22.07 7.79 -1.02
N PRO A 245 -21.93 9.04 -1.53
CA PRO A 245 -22.32 10.20 -0.72
C PRO A 245 -23.81 10.25 -0.37
N TYR A 246 -24.14 10.95 0.72
CA TYR A 246 -25.50 11.13 1.23
C TYR A 246 -26.29 9.84 1.30
N PRO A 247 -25.80 8.86 2.08
CA PRO A 247 -26.49 7.57 2.08
C PRO A 247 -27.95 7.68 2.51
N GLY A 248 -28.82 6.99 1.79
CA GLY A 248 -30.23 6.98 2.11
C GLY A 248 -30.97 8.25 1.78
N VAL A 249 -30.33 9.18 1.08
CA VAL A 249 -30.94 10.46 0.79
C VAL A 249 -31.40 10.53 -0.66
N PRO A 250 -32.72 10.67 -0.87
CA PRO A 250 -33.18 10.72 -2.27
C PRO A 250 -32.75 12.02 -2.92
N VAL A 251 -32.37 11.95 -4.17
CA VAL A 251 -31.80 13.10 -4.84
C VAL A 251 -32.73 14.30 -4.90
N GLU A 252 -34.02 14.09 -5.16
CA GLU A 252 -34.94 15.24 -5.25
C GLU A 252 -35.01 16.02 -3.93
N GLU A 253 -34.41 15.47 -2.88
CA GLU A 253 -34.42 16.07 -1.54
C GLU A 253 -33.17 16.90 -1.27
N LEU A 254 -32.15 16.68 -2.08
CA LEU A 254 -30.82 17.10 -1.72
C LEU A 254 -30.67 18.61 -1.59
N PHE A 255 -31.18 19.37 -2.56
CA PHE A 255 -30.97 20.82 -2.49
C PHE A 255 -31.64 21.45 -1.26
N LYS A 256 -32.84 21.01 -0.97
CA LYS A 256 -33.56 21.49 0.19
C LYS A 256 -32.71 21.29 1.42
N LEU A 257 -32.22 20.08 1.57
CA LEU A 257 -31.40 19.73 2.68
C LEU A 257 -30.17 20.61 2.80
N LEU A 258 -29.42 20.71 1.72
CA LEU A 258 -28.23 21.51 1.68
C LEU A 258 -28.59 22.92 2.06
N LYS A 259 -29.57 23.47 1.39
CA LYS A 259 -30.02 24.84 1.69
C LYS A 259 -30.33 25.02 3.19
N GLU A 260 -30.95 24.03 3.81
CA GLU A 260 -31.18 24.09 5.27
C GLU A 260 -29.90 23.90 6.09
N GLY A 261 -28.77 23.64 5.43
CA GLY A 261 -27.54 23.45 6.16
C GLY A 261 -27.13 22.00 6.42
N HIS A 262 -27.87 21.04 5.88
CA HIS A 262 -27.47 19.63 6.00
C HIS A 262 -26.08 19.43 5.38
N ARG A 263 -25.22 18.67 6.06
CA ARG A 263 -23.94 18.22 5.50
C ARG A 263 -23.72 16.78 5.93
N MET A 264 -22.96 16.03 5.13
CA MET A 264 -22.57 14.68 5.53
C MET A 264 -21.89 14.69 6.88
N ASP A 265 -22.17 13.64 7.65
CA ASP A 265 -21.53 13.38 8.91
C ASP A 265 -20.13 12.85 8.68
N LYS A 266 -19.28 13.00 9.68
CA LYS A 266 -17.90 12.52 9.59
C LYS A 266 -17.83 11.02 9.36
N PRO A 267 -17.00 10.57 8.40
CA PRO A 267 -16.71 9.14 8.28
C PRO A 267 -16.14 8.57 9.58
N SER A 268 -16.43 7.30 9.91
CA SER A 268 -15.98 6.70 11.18
C SER A 268 -14.47 6.83 11.40
N ASN A 269 -13.71 6.63 10.34
CA ASN A 269 -12.27 6.73 10.43
C ASN A 269 -11.83 8.01 9.69
N CYS A 270 -11.69 9.11 10.42
CA CYS A 270 -11.40 10.41 9.83
C CYS A 270 -11.13 11.36 10.96
N THR A 271 -10.02 12.08 10.90
CA THR A 271 -9.66 12.99 11.98
C THR A 271 -10.61 14.17 12.04
N ASN A 272 -10.71 14.80 13.22
CA ASN A 272 -11.46 16.05 13.31
C ASN A 272 -10.93 17.08 12.32
N GLU A 273 -9.63 17.14 12.16
CA GLU A 273 -9.02 18.14 11.29
C GLU A 273 -9.45 17.95 9.84
N LEU A 274 -9.50 16.71 9.37
CA LEU A 274 -9.86 16.47 7.98
C LEU A 274 -11.35 16.61 7.79
N TYR A 275 -12.14 16.32 8.83
CA TYR A 275 -13.56 16.58 8.71
C TYR A 275 -13.82 18.09 8.66
N MET A 276 -13.07 18.86 9.44
CA MET A 276 -13.26 20.32 9.38
C MET A 276 -12.87 20.87 8.02
N MET A 277 -11.86 20.25 7.40
CA MET A 277 -11.50 20.66 6.02
C MET A 277 -12.64 20.38 5.00
N MET A 278 -13.27 19.20 5.09
CA MET A 278 -14.52 18.92 4.35
C MET A 278 -15.59 19.98 4.53
N ARG A 279 -15.88 20.27 5.79
CA ARG A 279 -16.92 21.24 6.10
C ARG A 279 -16.59 22.62 5.55
N ASP A 280 -15.31 22.98 5.60
CA ASP A 280 -14.88 24.25 5.05
C ASP A 280 -15.08 24.32 3.51
N CYS A 281 -14.75 23.23 2.82
CA CYS A 281 -15.06 23.09 1.41
C CYS A 281 -16.55 23.19 1.17
N TRP A 282 -17.37 22.81 2.16
CA TRP A 282 -18.84 22.83 1.96
C TRP A 282 -19.45 24.09 2.56
N HIS A 283 -18.66 25.15 2.70
CA HIS A 283 -19.24 26.40 3.15
C HIS A 283 -20.37 26.78 2.22
N ALA A 284 -21.51 27.17 2.77
CA ALA A 284 -22.64 27.64 1.96
C ALA A 284 -22.22 28.75 0.99
N VAL A 285 -21.35 29.65 1.45
CA VAL A 285 -21.03 30.85 0.69
C VAL A 285 -19.79 30.57 -0.15
N PRO A 286 -19.90 30.67 -1.49
CA PRO A 286 -18.73 30.24 -2.27
C PRO A 286 -17.41 30.97 -1.93
N SER A 287 -17.48 32.27 -1.70
CA SER A 287 -16.29 33.10 -1.37
C SER A 287 -15.61 32.69 -0.06
N GLN A 288 -16.30 31.94 0.79
CA GLN A 288 -15.75 31.62 2.09
C GLN A 288 -15.06 30.24 2.12
N ARG A 289 -15.19 29.47 1.05
CA ARG A 289 -14.47 28.19 0.96
C ARG A 289 -12.96 28.42 0.81
N PRO A 290 -12.14 27.43 1.20
CA PRO A 290 -10.70 27.57 0.93
C PRO A 290 -10.43 27.46 -0.57
N THR A 291 -9.29 27.94 -0.99
CA THR A 291 -8.88 27.75 -2.39
C THR A 291 -8.11 26.46 -2.54
N PHE A 292 -7.90 25.98 -3.77
CA PHE A 292 -7.04 24.81 -3.91
C PHE A 292 -5.61 25.09 -3.45
N LYS A 293 -5.13 26.32 -3.65
CA LYS A 293 -3.80 26.68 -3.13
C LYS A 293 -3.70 26.45 -1.63
N GLN A 294 -4.71 26.89 -0.90
CA GLN A 294 -4.77 26.69 0.54
C GLN A 294 -4.90 25.21 0.90
N LEU A 295 -5.76 24.50 0.19
CA LEU A 295 -5.93 23.06 0.44
C LEU A 295 -4.62 22.30 0.28
N VAL A 296 -3.87 22.62 -0.77
CA VAL A 296 -2.58 21.97 -0.98
C VAL A 296 -1.61 22.23 0.16
N GLU A 297 -1.49 23.49 0.59
CA GLU A 297 -0.60 23.80 1.71
C GLU A 297 -0.98 23.06 3.02
N ASP A 298 -2.26 23.03 3.34
CA ASP A 298 -2.69 22.35 4.56
C ASP A 298 -2.49 20.84 4.45
N LEU A 299 -2.86 20.26 3.31
CA LEU A 299 -2.69 18.82 3.12
C LEU A 299 -1.24 18.42 3.10
N ASP A 300 -0.36 19.28 2.56
CA ASP A 300 1.07 19.01 2.64
C ASP A 300 1.50 18.85 4.09
N ARG A 301 1.11 19.80 4.94
CA ARG A 301 1.45 19.73 6.36
C ARG A 301 0.85 18.50 7.02
N ILE A 302 -0.43 18.23 6.75
CA ILE A 302 -1.08 17.06 7.33
C ILE A 302 -0.46 15.74 6.88
N VAL A 303 -0.12 15.59 5.60
CA VAL A 303 0.61 14.37 5.17
C VAL A 303 1.87 14.11 6.03
N ALA A 304 2.64 15.17 6.28
CA ALA A 304 3.90 15.03 7.01
C ALA A 304 3.66 14.64 8.45
N LEU A 305 2.50 14.99 8.98
CA LEU A 305 2.20 14.64 10.35
C LEU A 305 1.45 13.33 10.49
N THR A 306 1.04 12.73 9.38
CA THR A 306 0.15 11.57 9.45
C THR A 306 0.95 10.27 9.44
N SER A 307 0.60 9.38 10.36
CA SER A 307 1.31 8.11 10.48
C SER A 307 1.15 7.21 9.24
N ASN A 308 2.23 6.62 8.76
CA ASN A 308 2.10 5.53 7.80
C ASN A 308 2.28 4.15 8.46
N GLN A 309 2.19 4.09 9.80
CA GLN A 309 2.34 2.83 10.53
C GLN A 309 1.05 2.02 10.67
N GLU A 310 -0.06 2.63 10.28
CA GLU A 310 -1.39 1.99 10.32
C GLU A 310 -2.39 2.75 9.42
N GLY B 1 1.17 -20.66 -15.15
CA GLY B 1 1.10 -21.02 -13.74
C GLY B 1 1.59 -19.88 -12.87
N PRO B 2 1.48 -20.04 -11.54
CA PRO B 2 1.79 -18.94 -10.62
C PRO B 2 3.26 -18.50 -10.62
N ALA B 3 4.18 -19.31 -11.15
CA ALA B 3 5.57 -18.83 -11.29
C ALA B 3 5.91 -18.30 -12.69
N GLY B 4 4.93 -18.23 -13.58
CA GLY B 4 5.13 -17.72 -14.94
C GLY B 4 6.28 -18.38 -15.65
N VAL B 5 7.21 -17.59 -16.20
CA VAL B 5 8.32 -18.15 -17.00
C VAL B 5 9.24 -19.01 -16.15
N SER B 6 9.20 -18.77 -14.84
CA SER B 6 10.07 -19.49 -13.89
C SER B 6 9.69 -20.95 -13.75
N GLU B 7 8.54 -21.32 -14.32
CA GLU B 7 8.24 -22.75 -14.47
C GLU B 7 9.40 -23.50 -15.17
N TYR B 8 9.99 -22.86 -16.18
CA TYR B 8 11.11 -23.46 -16.94
C TYR B 8 12.44 -22.75 -16.76
N GLU B 9 12.42 -21.45 -16.49
CA GLU B 9 13.65 -20.65 -16.44
C GLU B 9 13.45 -19.36 -15.64
N LEU B 10 14.14 -19.23 -14.52
CA LEU B 10 13.99 -18.05 -13.70
C LEU B 10 14.71 -16.87 -14.37
N PRO B 11 14.16 -15.67 -14.23
CA PRO B 11 14.93 -14.54 -14.77
C PRO B 11 16.31 -14.42 -14.07
N GLU B 12 17.29 -13.93 -14.82
CA GLU B 12 18.62 -13.69 -14.31
C GLU B 12 18.67 -12.36 -13.54
N ASP B 13 19.59 -12.32 -12.58
CA ASP B 13 19.87 -11.10 -11.85
C ASP B 13 21.32 -11.22 -11.46
N PRO B 14 22.23 -10.79 -12.34
CA PRO B 14 23.65 -11.03 -12.05
C PRO B 14 24.15 -10.31 -10.79
N ARG B 15 23.42 -9.29 -10.32
CA ARG B 15 23.75 -8.64 -9.05
C ARG B 15 23.91 -9.66 -7.92
N TRP B 16 23.05 -10.69 -7.94
CA TRP B 16 22.91 -11.60 -6.79
C TRP B 16 23.34 -13.05 -7.07
N GLU B 17 23.67 -13.34 -8.33
CA GLU B 17 23.86 -14.74 -8.71
C GLU B 17 25.19 -15.26 -8.21
N LEU B 18 25.16 -16.41 -7.54
CA LEU B 18 26.39 -17.06 -7.10
C LEU B 18 26.54 -18.35 -7.89
N PRO B 19 27.71 -18.55 -8.58
CA PRO B 19 27.93 -19.86 -9.23
C PRO B 19 27.76 -21.01 -8.25
N ARG B 20 27.14 -22.09 -8.71
CA ARG B 20 26.86 -23.19 -7.81
C ARG B 20 28.14 -23.84 -7.33
N ASP B 21 29.23 -23.77 -8.10
CA ASP B 21 30.45 -24.44 -7.66
C ASP B 21 31.15 -23.66 -6.53
N ARG B 22 30.65 -22.46 -6.21
CA ARG B 22 31.21 -21.73 -5.08
C ARG B 22 30.38 -21.85 -3.79
N LEU B 23 29.51 -22.86 -3.78
CA LEU B 23 28.63 -23.10 -2.65
C LEU B 23 28.64 -24.59 -2.33
N VAL B 24 28.93 -24.94 -1.08
CA VAL B 24 28.94 -26.34 -0.67
C VAL B 24 27.86 -26.56 0.38
N LEU B 25 26.83 -27.32 0.02
CA LEU B 25 25.71 -27.52 0.93
C LEU B 25 26.08 -28.47 2.07
N GLY B 26 25.64 -28.18 3.29
CA GLY B 26 25.82 -29.10 4.38
C GLY B 26 24.52 -29.58 5.02
N LYS B 27 24.54 -29.66 6.34
CA LYS B 27 23.47 -30.29 7.11
C LYS B 27 22.25 -29.40 7.28
N PRO B 28 21.07 -30.00 7.47
CA PRO B 28 19.83 -29.25 7.70
C PRO B 28 19.90 -28.41 8.95
N LEU B 29 19.33 -27.21 8.86
CA LEU B 29 19.22 -26.30 9.98
C LEU B 29 17.79 -26.34 10.49
N GLY B 30 17.64 -26.10 11.79
CA GLY B 30 16.36 -26.23 12.46
C GLY B 30 15.81 -27.64 12.35
N GLU B 31 14.51 -27.78 12.56
CA GLU B 31 13.87 -29.06 12.30
C GLU B 31 12.87 -28.83 11.16
N GLY B 32 13.26 -28.00 10.21
CA GLY B 32 12.37 -27.58 9.16
C GLY B 32 11.48 -26.45 9.65
N CYS B 33 11.81 -25.93 10.84
CA CYS B 33 11.04 -24.85 11.47
C CYS B 33 11.08 -23.55 10.67
N PHE B 34 11.90 -23.53 9.62
CA PHE B 34 11.93 -22.42 8.69
C PHE B 34 11.77 -22.92 7.26
N GLY B 35 11.38 -24.19 7.12
CA GLY B 35 11.31 -24.82 5.80
C GLY B 35 12.57 -25.60 5.52
N GLN B 36 12.83 -25.90 4.26
CA GLN B 36 14.03 -26.65 3.96
C GLN B 36 15.23 -25.71 3.92
N VAL B 37 15.91 -25.59 5.06
CA VAL B 37 17.05 -24.71 5.17
C VAL B 37 18.25 -25.56 5.53
N VAL B 38 19.38 -25.32 4.88
CA VAL B 38 20.61 -26.03 5.24
C VAL B 38 21.74 -25.08 5.49
N LEU B 39 22.70 -25.56 6.28
CA LEU B 39 23.95 -24.86 6.49
C LEU B 39 24.79 -25.08 5.25
N ALA B 40 25.57 -24.09 4.85
CA ALA B 40 26.46 -24.27 3.69
C ALA B 40 27.66 -23.37 3.82
N GLU B 41 28.67 -23.56 2.96
CA GLU B 41 29.82 -22.68 2.92
C GLU B 41 29.90 -22.08 1.54
N ALA B 42 30.13 -20.78 1.46
CA ALA B 42 30.16 -20.10 0.18
C ALA B 42 31.48 -19.36 0.08
N ILE B 43 32.06 -19.32 -1.12
CA ILE B 43 33.27 -18.56 -1.37
C ILE B 43 32.96 -17.34 -2.22
N GLY B 44 33.49 -16.19 -1.81
CA GLY B 44 33.41 -15.00 -2.64
C GLY B 44 32.00 -14.47 -2.84
N LEU B 45 31.25 -14.35 -1.75
CA LEU B 45 29.95 -13.70 -1.79
C LEU B 45 30.05 -12.23 -2.17
N ASP B 46 31.13 -11.57 -1.73
CA ASP B 46 31.32 -10.13 -1.98
C ASP B 46 32.50 -9.82 -2.89
N LYS B 47 32.29 -8.84 -3.78
CA LYS B 47 33.29 -8.42 -4.76
C LYS B 47 34.63 -8.07 -4.11
N ASP B 48 34.55 -7.44 -2.93
CA ASP B 48 35.73 -6.93 -2.23
C ASP B 48 36.51 -8.02 -1.52
N LYS B 49 35.88 -9.18 -1.29
CA LYS B 49 36.57 -10.33 -0.71
C LYS B 49 36.28 -11.61 -1.48
N PRO B 50 36.77 -11.68 -2.74
CA PRO B 50 36.48 -12.81 -3.62
C PRO B 50 36.99 -14.16 -3.12
N ASN B 51 37.91 -14.21 -2.17
CA ASN B 51 38.49 -15.50 -1.74
C ASN B 51 37.99 -15.97 -0.37
N ARG B 52 37.13 -15.17 0.24
CA ARG B 52 36.71 -15.48 1.61
C ARG B 52 35.65 -16.57 1.65
N VAL B 53 35.84 -17.54 2.55
CA VAL B 53 34.85 -18.57 2.73
C VAL B 53 34.01 -18.16 3.95
N THR B 54 32.68 -18.26 3.78
CA THR B 54 31.69 -17.77 4.76
C THR B 54 30.66 -18.86 5.03
N LYS B 55 30.34 -19.16 6.29
CA LYS B 55 29.23 -20.08 6.56
C LYS B 55 27.95 -19.30 6.31
N VAL B 56 27.02 -19.89 5.55
CA VAL B 56 25.75 -19.24 5.25
C VAL B 56 24.60 -20.21 5.50
N ALA B 57 23.37 -19.68 5.48
CA ALA B 57 22.18 -20.55 5.49
C ALA B 57 21.55 -20.48 4.12
N VAL B 58 21.06 -21.63 3.66
CA VAL B 58 20.45 -21.71 2.34
C VAL B 58 19.04 -22.28 2.39
N LYS B 59 18.09 -21.53 1.84
CA LYS B 59 16.69 -22.00 1.76
C LYS B 59 16.41 -22.52 0.35
N MET B 60 15.71 -23.63 0.26
CA MET B 60 15.40 -24.22 -1.04
C MET B 60 14.05 -24.92 -0.97
N LEU B 61 13.48 -25.30 -2.11
CA LEU B 61 12.25 -26.07 -2.11
C LEU B 61 12.52 -27.53 -1.72
N LYS B 62 11.56 -28.16 -1.07
CA LYS B 62 11.55 -29.61 -0.85
C LYS B 62 11.10 -30.21 -2.16
N SER B 63 11.37 -31.50 -2.37
CA SER B 63 11.12 -32.08 -3.67
C SER B 63 9.61 -32.26 -3.94
N ASP B 64 8.76 -32.11 -2.91
CA ASP B 64 7.32 -32.21 -3.17
C ASP B 64 6.67 -30.85 -3.40
N ALA B 65 7.47 -29.82 -3.56
CA ALA B 65 6.90 -28.49 -3.75
C ALA B 65 6.18 -28.29 -5.08
N THR B 66 5.23 -27.37 -5.06
CA THR B 66 4.46 -27.00 -6.24
C THR B 66 4.99 -25.72 -6.88
N GLU B 67 4.42 -25.37 -8.02
CA GLU B 67 4.81 -24.14 -8.68
C GLU B 67 4.43 -22.94 -7.80
N LYS B 68 3.32 -23.04 -7.09
CA LYS B 68 2.96 -22.00 -6.13
C LYS B 68 4.04 -21.83 -5.06
N ASP B 69 4.57 -22.96 -4.58
CA ASP B 69 5.63 -22.92 -3.60
C ASP B 69 6.85 -22.19 -4.19
N LEU B 70 7.17 -22.46 -5.48
CA LEU B 70 8.29 -21.75 -6.10
C LEU B 70 8.04 -20.22 -6.19
N SER B 71 6.83 -19.79 -6.59
CA SER B 71 6.48 -18.35 -6.58
C SER B 71 6.72 -17.70 -5.25
N ASP B 72 6.27 -18.38 -4.19
CA ASP B 72 6.42 -17.88 -2.82
C ASP B 72 7.90 -17.72 -2.44
N LEU B 73 8.74 -18.70 -2.81
CA LEU B 73 10.17 -18.60 -2.46
C LEU B 73 10.79 -17.46 -3.27
N ILE B 74 10.45 -17.39 -4.54
CA ILE B 74 10.87 -16.28 -5.36
C ILE B 74 10.39 -14.94 -4.77
N SER B 75 9.14 -14.88 -4.36
CA SER B 75 8.61 -13.67 -3.75
C SER B 75 9.41 -13.24 -2.52
N GLU B 76 9.72 -14.20 -1.64
CA GLU B 76 10.53 -13.94 -0.44
C GLU B 76 11.93 -13.37 -0.80
N MET B 77 12.58 -13.98 -1.79
CA MET B 77 13.88 -13.49 -2.25
C MET B 77 13.76 -12.05 -2.79
N GLU B 78 12.75 -11.80 -3.62
CA GLU B 78 12.60 -10.51 -4.28
C GLU B 78 12.25 -9.43 -3.26
N MET B 79 11.43 -9.77 -2.28
CA MET B 79 11.18 -8.82 -1.20
C MET B 79 12.48 -8.48 -0.44
N MET B 80 13.29 -9.47 -0.13
CA MET B 80 14.50 -9.18 0.62
C MET B 80 15.45 -8.28 -0.20
N LYS B 81 15.48 -8.48 -1.53
CA LYS B 81 16.17 -7.51 -2.38
C LYS B 81 15.64 -6.08 -2.21
N MET B 82 14.32 -5.92 -2.19
CA MET B 82 13.74 -4.58 -2.10
C MET B 82 14.03 -3.90 -0.75
N ILE B 83 14.01 -4.70 0.29
CA ILE B 83 14.12 -4.19 1.65
C ILE B 83 15.56 -3.72 1.94
N GLY B 84 16.52 -4.42 1.35
CA GLY B 84 17.92 -4.05 1.56
C GLY B 84 18.43 -4.45 2.93
N LYS B 85 19.64 -4.01 3.25
CA LYS B 85 20.40 -4.54 4.39
C LYS B 85 20.23 -3.78 5.71
N HIS B 86 20.15 -4.53 6.79
CA HIS B 86 20.21 -3.94 8.13
C HIS B 86 20.88 -4.95 9.06
N LYS B 87 21.68 -4.45 9.99
CA LYS B 87 22.36 -5.29 10.97
C LYS B 87 21.43 -6.25 11.75
N ASN B 88 20.21 -5.82 12.04
CA ASN B 88 19.32 -6.60 12.90
C ASN B 88 18.23 -7.35 12.14
N ILE B 89 18.51 -7.69 10.88
CA ILE B 89 17.68 -8.63 10.16
C ILE B 89 18.56 -9.67 9.51
N ILE B 90 17.97 -10.80 9.16
CA ILE B 90 18.70 -11.82 8.42
C ILE B 90 18.84 -11.34 6.99
N ASN B 91 20.07 -11.06 6.54
CA ASN B 91 20.23 -10.44 5.21
C ASN B 91 20.43 -11.39 4.06
N LEU B 92 19.92 -10.99 2.90
CA LEU B 92 20.14 -11.74 1.66
C LEU B 92 21.58 -11.57 1.20
N LEU B 93 22.22 -12.68 0.81
CA LEU B 93 23.62 -12.65 0.42
C LEU B 93 23.84 -13.06 -1.04
N GLY B 94 22.95 -13.87 -1.59
CA GLY B 94 23.18 -14.36 -2.95
C GLY B 94 22.10 -15.35 -3.29
N ALA B 95 22.11 -15.82 -4.54
CA ALA B 95 21.16 -16.84 -4.94
C ALA B 95 21.73 -17.69 -6.07
N CYS B 96 21.31 -18.94 -6.14
CA CYS B 96 21.51 -19.76 -7.33
C CYS B 96 20.15 -19.95 -7.99
N THR B 97 19.96 -19.35 -9.14
CA THR B 97 18.62 -19.31 -9.75
C THR B 97 18.59 -19.98 -11.12
N GLN B 98 19.77 -20.13 -11.70
CA GLN B 98 19.91 -20.65 -13.06
C GLN B 98 20.28 -22.12 -13.10
N ASP B 99 19.83 -22.81 -14.15
CA ASP B 99 20.16 -24.22 -14.37
C ASP B 99 20.18 -25.10 -13.14
N GLY B 100 19.03 -25.18 -12.43
CA GLY B 100 18.97 -26.06 -11.30
C GLY B 100 18.07 -25.41 -10.27
N PRO B 101 17.89 -26.08 -9.13
CA PRO B 101 16.95 -25.61 -8.12
C PRO B 101 17.35 -24.26 -7.53
N LEU B 102 16.32 -23.51 -7.12
CA LEU B 102 16.49 -22.21 -6.51
C LEU B 102 17.10 -22.32 -5.11
N TYR B 103 18.25 -21.69 -4.92
CA TYR B 103 18.87 -21.60 -3.61
C TYR B 103 18.89 -20.14 -3.22
N VAL B 104 18.30 -19.82 -2.06
CA VAL B 104 18.31 -18.45 -1.56
C VAL B 104 19.24 -18.38 -0.35
N ILE B 105 20.32 -17.64 -0.52
CA ILE B 105 21.44 -17.67 0.39
C ILE B 105 21.37 -16.49 1.35
N VAL B 106 21.28 -16.78 2.66
CA VAL B 106 21.21 -15.72 3.65
C VAL B 106 22.26 -15.86 4.73
N GLU B 107 22.43 -14.79 5.50
CA GLU B 107 23.31 -14.79 6.68
C GLU B 107 23.00 -15.91 7.65
N TYR B 108 24.05 -16.50 8.23
CA TYR B 108 23.89 -17.58 9.18
C TYR B 108 23.99 -17.08 10.63
N ALA B 109 23.03 -17.50 11.44
CA ALA B 109 22.98 -17.16 12.87
C ALA B 109 23.22 -18.43 13.65
N SER B 110 24.43 -18.58 14.19
CA SER B 110 24.84 -19.88 14.74
C SER B 110 24.20 -20.25 16.07
N LYS B 111 23.57 -19.31 16.77
CA LYS B 111 23.06 -19.67 18.09
C LYS B 111 21.56 -19.98 18.09
N GLY B 112 20.96 -20.06 16.90
CA GLY B 112 19.57 -20.46 16.77
C GLY B 112 18.61 -19.37 17.21
N ASN B 113 17.36 -19.73 17.49
CA ASN B 113 16.40 -18.69 17.81
C ASN B 113 16.49 -18.16 19.25
N LEU B 114 15.94 -16.96 19.43
CA LEU B 114 16.06 -16.22 20.68
C LEU B 114 15.33 -16.91 21.84
N ARG B 115 14.21 -17.56 21.54
CA ARG B 115 13.43 -18.25 22.61
C ARG B 115 14.32 -19.33 23.24
N GLU B 116 14.92 -20.16 22.43
CA GLU B 116 15.82 -21.20 22.93
C GLU B 116 17.09 -20.62 23.57
N TYR B 117 17.61 -19.54 22.98
CA TYR B 117 18.76 -18.82 23.54
C TYR B 117 18.48 -18.31 24.97
N LEU B 118 17.33 -17.69 25.15
CA LEU B 118 16.93 -17.19 26.46
C LEU B 118 16.78 -18.33 27.46
N GLN B 119 16.09 -19.39 27.05
CA GLN B 119 15.78 -20.52 27.91
C GLN B 119 17.05 -21.22 28.39
N ALA B 120 18.03 -21.40 27.51
CA ALA B 120 19.27 -22.06 27.90
C ALA B 120 20.11 -21.21 28.83
N ARG B 121 19.80 -19.92 28.94
CA ARG B 121 20.57 -19.09 29.86
C ARG B 121 19.78 -18.71 31.12
N ARG B 122 18.68 -19.41 31.38
CA ARG B 122 17.91 -19.22 32.60
C ARG B 122 18.67 -19.66 33.84
N PRO B 123 18.56 -18.89 34.94
CA PRO B 123 18.95 -19.42 36.25
C PRO B 123 17.92 -20.46 36.69
N PRO B 124 18.30 -21.36 37.62
CA PRO B 124 17.28 -22.24 38.19
C PRO B 124 16.37 -21.64 39.27
N GLY B 125 16.32 -20.31 39.34
CA GLY B 125 15.81 -19.57 40.49
C GLY B 125 14.41 -19.03 40.36
N GLN B 139 24.58 -17.11 31.21
CA GLN B 139 23.79 -16.13 31.97
C GLN B 139 23.53 -14.83 31.17
N LEU B 140 22.50 -14.08 31.56
CA LEU B 140 22.18 -12.82 30.89
C LEU B 140 21.96 -11.70 31.89
N SER B 141 22.69 -10.61 31.75
CA SER B 141 22.50 -9.47 32.63
C SER B 141 21.26 -8.69 32.23
N SER B 142 20.83 -7.80 33.10
CA SER B 142 19.69 -6.97 32.78
C SER B 142 20.02 -6.08 31.58
N LYS B 143 21.30 -5.71 31.41
CA LYS B 143 21.67 -4.91 30.26
C LYS B 143 21.62 -5.74 28.96
N ASP B 144 22.08 -6.98 29.03
CA ASP B 144 21.96 -7.93 27.92
C ASP B 144 20.53 -8.05 27.43
N LEU B 145 19.58 -8.10 28.37
CA LEU B 145 18.19 -8.34 28.02
C LEU B 145 17.61 -7.11 27.36
N VAL B 146 17.92 -5.93 27.89
CA VAL B 146 17.36 -4.71 27.31
C VAL B 146 18.00 -4.47 25.94
N SER B 147 19.25 -4.89 25.80
CA SER B 147 19.97 -4.74 24.52
C SER B 147 19.36 -5.65 23.46
N CYS B 148 19.01 -6.88 23.85
CA CYS B 148 18.25 -7.76 22.96
C CYS B 148 16.97 -7.07 22.45
N ALA B 149 16.17 -6.52 23.37
CA ALA B 149 14.93 -5.86 23.02
C ALA B 149 15.18 -4.69 22.05
N TYR B 150 16.21 -3.90 22.37
CA TYR B 150 16.57 -2.74 21.54
C TYR B 150 16.93 -3.17 20.10
N GLN B 151 17.73 -4.22 19.99
CA GLN B 151 18.18 -4.70 18.68
C GLN B 151 17.00 -5.20 17.84
N VAL B 152 16.08 -5.90 18.50
CA VAL B 152 14.87 -6.39 17.84
C VAL B 152 14.00 -5.19 17.41
N ALA B 153 13.78 -4.25 18.31
CA ALA B 153 13.06 -3.02 17.92
C ALA B 153 13.72 -2.29 16.73
N ARG B 154 15.05 -2.23 16.70
CA ARG B 154 15.73 -1.50 15.64
C ARG B 154 15.62 -2.21 14.29
N GLY B 155 15.67 -3.55 14.30
CA GLY B 155 15.44 -4.29 13.05
C GLY B 155 13.99 -4.10 12.57
N MET B 156 13.03 -4.06 13.49
CA MET B 156 11.64 -3.87 13.10
C MET B 156 11.42 -2.44 12.60
N GLU B 157 12.13 -1.49 13.20
CA GLU B 157 12.00 -0.09 12.79
C GLU B 157 12.44 0.00 11.34
N TYR B 158 13.51 -0.73 11.02
CA TYR B 158 14.01 -0.74 9.65
C TYR B 158 13.03 -1.38 8.68
N LEU B 159 12.57 -2.58 9.03
CA LEU B 159 11.58 -3.29 8.23
C LEU B 159 10.35 -2.41 7.99
N ALA B 160 9.84 -1.81 9.05
CA ALA B 160 8.67 -0.97 8.91
C ALA B 160 8.98 0.23 7.98
N SER B 161 10.20 0.72 8.00
CA SER B 161 10.56 1.85 7.17
C SER B 161 10.55 1.42 5.71
N LYS B 162 10.71 0.12 5.46
CA LYS B 162 10.72 -0.41 4.07
C LYS B 162 9.41 -1.07 3.70
N LYS B 163 8.34 -0.71 4.42
CA LYS B 163 7.01 -1.23 4.17
C LYS B 163 6.86 -2.74 4.42
N CYS B 164 7.71 -3.31 5.27
CA CYS B 164 7.60 -4.73 5.57
C CYS B 164 6.82 -4.95 6.88
N ILE B 165 5.69 -5.65 6.80
CA ILE B 165 4.91 -6.09 7.96
C ILE B 165 5.23 -7.56 8.23
N HIS B 166 5.72 -7.86 9.43
CA HIS B 166 6.16 -9.23 9.70
C HIS B 166 5.02 -10.23 9.84
N ARG B 167 4.04 -9.90 10.68
CA ARG B 167 2.82 -10.71 10.91
C ARG B 167 3.02 -11.99 11.76
N ASP B 168 4.24 -12.32 12.15
CA ASP B 168 4.45 -13.34 13.19
C ASP B 168 5.70 -13.03 13.97
N LEU B 169 5.79 -11.79 14.46
CA LEU B 169 6.95 -11.41 15.27
C LEU B 169 6.87 -12.10 16.63
N ALA B 170 7.92 -12.83 16.98
CA ALA B 170 7.97 -13.61 18.20
C ALA B 170 9.39 -14.04 18.41
N ALA B 171 9.78 -14.37 19.63
CA ALA B 171 11.18 -14.73 19.85
C ALA B 171 11.62 -15.93 19.01
N ARG B 172 10.69 -16.84 18.66
CA ARG B 172 11.02 -17.99 17.78
C ARG B 172 11.50 -17.53 16.37
N ASN B 173 11.10 -16.31 15.98
CA ASN B 173 11.49 -15.74 14.69
C ASN B 173 12.58 -14.66 14.76
N VAL B 174 13.27 -14.61 15.87
CA VAL B 174 14.50 -13.88 15.99
C VAL B 174 15.64 -14.88 16.14
N LEU B 175 16.68 -14.71 15.30
CA LEU B 175 17.87 -15.57 15.37
C LEU B 175 19.05 -14.82 15.99
N VAL B 176 19.95 -15.56 16.62
CA VAL B 176 21.10 -14.97 17.29
C VAL B 176 22.42 -15.45 16.63
N THR B 177 23.30 -14.52 16.28
CA THR B 177 24.53 -14.89 15.61
C THR B 177 25.63 -15.28 16.60
N GLU B 178 26.80 -15.63 16.06
CA GLU B 178 27.93 -15.99 16.91
C GLU B 178 28.33 -14.79 17.78
N ASP B 179 28.11 -13.58 17.28
CA ASP B 179 28.44 -12.40 18.07
C ASP B 179 27.28 -11.87 18.92
N ASN B 180 26.25 -12.68 19.12
CA ASN B 180 25.06 -12.31 19.92
C ASN B 180 24.30 -11.14 19.33
N VAL B 181 24.36 -11.00 18.01
CA VAL B 181 23.54 -10.00 17.33
C VAL B 181 22.16 -10.60 17.09
N MET B 182 21.11 -9.85 17.45
CA MET B 182 19.75 -10.28 17.18
C MET B 182 19.40 -9.99 15.75
N LYS B 183 18.85 -10.99 15.05
CA LYS B 183 18.39 -10.77 13.67
C LYS B 183 16.98 -11.29 13.42
N ILE B 184 16.07 -10.40 13.04
CA ILE B 184 14.72 -10.78 12.66
C ILE B 184 14.71 -11.73 11.46
N ALA B 185 14.02 -12.86 11.60
CA ALA B 185 13.98 -13.84 10.52
C ALA B 185 12.58 -13.96 9.94
N ASP B 186 12.49 -14.46 8.71
CA ASP B 186 11.21 -14.78 8.08
C ASP B 186 10.31 -13.56 7.91
N PHE B 187 10.90 -12.40 7.66
CA PHE B 187 10.12 -11.17 7.52
C PHE B 187 9.64 -11.06 6.05
N GLY B 188 10.27 -11.82 5.16
CA GLY B 188 9.92 -11.80 3.75
C GLY B 188 8.90 -12.87 3.34
N LEU B 189 8.46 -13.68 4.29
CA LEU B 189 7.55 -14.80 4.00
C LEU B 189 6.22 -14.38 3.37
N ALA B 190 5.74 -15.21 2.45
CA ALA B 190 4.38 -15.08 1.92
C ALA B 190 3.43 -15.82 2.85
N ARG B 191 2.36 -15.17 3.27
CA ARG B 191 1.51 -15.75 4.30
C ARG B 191 0.02 -15.80 3.93
N ASP B 192 -0.80 -16.10 4.94
CA ASP B 192 -2.19 -16.47 4.71
C ASP B 192 -3.14 -15.75 5.69
N ILE B 196 -8.31 -19.75 6.11
CA ILE B 196 -6.93 -19.34 5.81
C ILE B 196 -5.99 -19.79 6.93
N ASP B 197 -6.12 -19.21 8.12
CA ASP B 197 -5.21 -19.59 9.24
C ASP B 197 -5.95 -20.56 10.16
N TYR B 198 -5.21 -21.49 10.77
CA TYR B 198 -5.77 -22.44 11.71
C TYR B 198 -5.05 -22.26 13.03
N TYR B 199 -5.77 -22.39 14.13
CA TYR B 199 -5.11 -22.20 15.41
C TYR B 199 -4.56 -23.57 15.84
N LYS B 200 -3.46 -23.92 15.17
CA LYS B 200 -2.67 -25.12 15.37
C LYS B 200 -1.37 -24.76 16.05
N LYS B 201 -0.77 -25.73 16.71
CA LYS B 201 0.39 -25.44 17.58
C LYS B 201 1.70 -25.30 16.82
N THR B 202 2.66 -24.62 17.46
CA THR B 202 4.01 -24.41 16.90
C THR B 202 4.83 -25.67 17.18
N THR B 203 6.05 -25.72 16.66
CA THR B 203 6.96 -26.87 16.91
C THR B 203 7.14 -27.14 18.40
N ASN B 204 7.26 -26.10 19.25
CA ASN B 204 7.41 -26.36 20.70
C ASN B 204 6.08 -26.34 21.46
N GLY B 205 4.97 -26.59 20.75
CA GLY B 205 3.62 -26.76 21.31
C GLY B 205 2.87 -25.50 21.71
N ARG B 206 2.96 -24.42 20.95
CA ARG B 206 2.18 -23.25 21.33
C ARG B 206 1.52 -22.55 20.15
N LEU B 207 0.62 -21.64 20.51
CA LEU B 207 -0.32 -21.07 19.56
C LEU B 207 0.10 -19.66 19.15
N PRO B 208 0.46 -19.48 17.88
CA PRO B 208 0.78 -18.18 17.28
C PRO B 208 -0.27 -17.10 17.50
N VAL B 209 -1.53 -17.47 17.72
CA VAL B 209 -2.53 -16.47 18.08
C VAL B 209 -2.15 -15.69 19.32
N LYS B 210 -1.35 -16.28 20.20
CA LYS B 210 -1.02 -15.57 21.46
C LYS B 210 -0.06 -14.41 21.24
N TRP B 211 0.39 -14.23 19.99
CA TRP B 211 1.23 -13.09 19.64
C TRP B 211 0.49 -12.05 18.79
N MET B 212 -0.75 -12.36 18.39
CA MET B 212 -1.51 -11.51 17.48
C MET B 212 -2.22 -10.39 18.16
N ALA B 213 -2.15 -9.22 17.53
CA ALA B 213 -2.95 -8.09 17.96
C ALA B 213 -4.43 -8.44 17.79
N PRO B 214 -5.30 -7.87 18.65
CA PRO B 214 -6.74 -8.12 18.57
C PRO B 214 -7.28 -7.90 17.17
N GLU B 215 -6.86 -6.84 16.48
CA GLU B 215 -7.44 -6.54 15.16
C GLU B 215 -7.00 -7.59 14.15
N ALA B 216 -5.87 -8.26 14.39
CA ALA B 216 -5.37 -9.28 13.48
C ALA B 216 -6.09 -10.58 13.79
N LEU B 217 -6.26 -10.80 15.07
CA LEU B 217 -6.95 -11.94 15.61
C LEU B 217 -8.45 -11.96 15.25
N PHE B 218 -9.13 -10.82 15.43
CA PHE B 218 -10.56 -10.73 15.15
C PHE B 218 -10.89 -10.35 13.71
N ASP B 219 -10.13 -9.45 13.09
CA ASP B 219 -10.47 -8.96 11.76
C ASP B 219 -9.48 -9.24 10.64
N ARG B 220 -8.40 -9.97 10.92
CA ARG B 220 -7.34 -10.24 9.93
C ARG B 220 -6.67 -8.96 9.43
N ILE B 221 -6.63 -7.93 10.28
CA ILE B 221 -6.01 -6.66 9.93
C ILE B 221 -4.56 -6.62 10.45
N TYR B 222 -3.61 -6.48 9.53
CA TYR B 222 -2.21 -6.43 9.87
C TYR B 222 -1.59 -5.11 9.43
N THR B 223 -0.96 -4.42 10.37
CA THR B 223 -0.25 -3.18 10.11
C THR B 223 1.08 -3.25 10.83
N HIS B 224 1.87 -2.18 10.75
CA HIS B 224 3.05 -2.08 11.57
C HIS B 224 2.64 -2.02 13.02
N GLN B 225 1.48 -1.43 13.30
CA GLN B 225 1.04 -1.36 14.71
C GLN B 225 0.58 -2.71 15.27
N SER B 226 0.20 -3.63 14.40
CA SER B 226 -0.15 -4.93 14.96
C SER B 226 1.14 -5.68 15.22
N ASP B 227 2.17 -5.42 14.43
CA ASP B 227 3.50 -5.94 14.74
C ASP B 227 4.02 -5.42 16.09
N VAL B 228 3.71 -4.16 16.41
CA VAL B 228 4.09 -3.58 17.71
C VAL B 228 3.44 -4.35 18.87
N TRP B 229 2.15 -4.68 18.74
CA TRP B 229 1.53 -5.58 19.74
C TRP B 229 2.39 -6.86 19.93
N SER B 230 2.76 -7.49 18.82
CA SER B 230 3.53 -8.75 18.86
C SER B 230 4.88 -8.51 19.53
N PHE B 231 5.43 -7.33 19.28
CA PHE B 231 6.68 -6.96 19.91
C PHE B 231 6.52 -6.87 21.43
N GLY B 232 5.37 -6.36 21.88
CA GLY B 232 5.08 -6.34 23.31
C GLY B 232 5.12 -7.75 23.88
N VAL B 233 4.57 -8.71 23.14
CA VAL B 233 4.62 -10.09 23.62
C VAL B 233 6.06 -10.62 23.59
N LEU B 234 6.82 -10.22 22.57
CA LEU B 234 8.23 -10.62 22.46
C LEU B 234 9.04 -10.09 23.65
N LEU B 235 8.80 -8.83 24.01
CA LEU B 235 9.36 -8.21 25.22
C LEU B 235 9.10 -9.05 26.44
N TRP B 236 7.85 -9.46 26.61
CA TRP B 236 7.47 -10.33 27.75
C TRP B 236 8.27 -11.68 27.69
N GLU B 237 8.46 -12.21 26.48
CA GLU B 237 9.28 -13.41 26.30
C GLU B 237 10.74 -13.19 26.76
N ILE B 238 11.29 -12.04 26.40
CA ILE B 238 12.67 -11.71 26.77
C ILE B 238 12.81 -11.68 28.30
N PHE B 239 11.91 -10.96 28.95
CA PHE B 239 12.07 -10.74 30.37
C PHE B 239 11.51 -11.88 31.22
N THR B 240 10.88 -12.87 30.61
CA THR B 240 10.64 -14.15 31.27
C THR B 240 11.68 -15.20 30.89
N LEU B 241 12.70 -14.79 30.15
CA LEU B 241 13.71 -15.71 29.63
C LEU B 241 13.09 -16.92 28.88
N GLY B 242 12.18 -16.60 27.98
CA GLY B 242 11.52 -17.62 27.18
C GLY B 242 10.26 -18.24 27.76
N GLY B 243 9.49 -17.48 28.53
CA GLY B 243 8.25 -18.00 29.09
C GLY B 243 7.18 -18.24 28.02
N SER B 244 6.14 -18.95 28.43
CA SER B 244 5.02 -19.27 27.54
C SER B 244 3.83 -18.34 27.81
N PRO B 245 3.43 -17.52 26.82
CA PRO B 245 2.34 -16.58 27.08
C PRO B 245 0.97 -17.23 27.31
N TYR B 246 0.19 -16.67 28.24
CA TYR B 246 -1.13 -17.16 28.61
C TYR B 246 -1.14 -18.72 28.73
N PRO B 247 -0.27 -19.27 29.62
CA PRO B 247 -0.16 -20.74 29.66
C PRO B 247 -1.49 -21.37 30.07
N GLY B 248 -1.89 -22.44 29.39
CA GLY B 248 -3.12 -23.13 29.71
C GLY B 248 -4.39 -22.48 29.24
N VAL B 249 -4.27 -21.30 28.61
CA VAL B 249 -5.43 -20.59 28.09
C VAL B 249 -5.73 -20.97 26.64
N PRO B 250 -6.89 -21.60 26.39
CA PRO B 250 -7.17 -21.98 25.01
C PRO B 250 -7.69 -20.79 24.22
N VAL B 251 -7.67 -20.92 22.90
CA VAL B 251 -7.98 -19.84 21.96
C VAL B 251 -9.28 -19.08 22.28
N GLU B 252 -10.35 -19.83 22.50
CA GLU B 252 -11.65 -19.22 22.80
C GLU B 252 -11.57 -18.31 24.03
N GLU B 253 -10.85 -18.77 25.05
CA GLU B 253 -10.74 -18.01 26.30
C GLU B 253 -9.82 -16.78 26.12
N LEU B 254 -8.82 -16.91 25.25
CA LEU B 254 -7.95 -15.79 24.95
C LEU B 254 -8.75 -14.59 24.43
N PHE B 255 -9.68 -14.86 23.51
CA PHE B 255 -10.58 -13.83 22.98
C PHE B 255 -11.26 -13.04 24.09
N LYS B 256 -11.88 -13.79 24.99
CA LYS B 256 -12.62 -13.20 26.10
C LYS B 256 -11.70 -12.34 26.94
N LEU B 257 -10.59 -12.92 27.41
CA LEU B 257 -9.62 -12.20 28.25
C LEU B 257 -9.23 -10.86 27.69
N LEU B 258 -8.77 -10.87 26.44
CA LEU B 258 -8.31 -9.65 25.79
C LEU B 258 -9.45 -8.63 25.74
N LYS B 259 -10.59 -9.09 25.24
CA LYS B 259 -11.78 -8.26 25.18
C LYS B 259 -12.08 -7.52 26.50
N GLU B 260 -11.93 -8.18 27.65
CA GLU B 260 -12.23 -7.51 28.93
C GLU B 260 -11.03 -6.75 29.52
N GLY B 261 -9.98 -6.54 28.73
CA GLY B 261 -8.86 -5.70 29.14
C GLY B 261 -7.75 -6.41 29.89
N HIS B 262 -7.87 -7.73 30.02
CA HIS B 262 -6.85 -8.54 30.67
CA HIS B 262 -6.85 -8.51 30.69
C HIS B 262 -5.57 -8.54 29.82
N ARG B 263 -4.43 -8.52 30.50
CA ARG B 263 -3.12 -8.53 29.85
C ARG B 263 -2.19 -9.39 30.68
N MET B 264 -1.09 -9.86 30.10
CA MET B 264 -0.12 -10.62 30.89
C MET B 264 0.47 -9.77 32.03
N ASP B 265 0.90 -10.45 33.09
CA ASP B 265 1.46 -9.82 34.28
C ASP B 265 2.94 -9.44 34.09
N LYS B 266 3.46 -8.57 34.95
CA LYS B 266 4.87 -8.16 34.94
C LYS B 266 5.78 -9.32 35.33
N PRO B 267 6.67 -9.75 34.43
CA PRO B 267 7.63 -10.83 34.73
C PRO B 267 8.48 -10.51 35.97
N SER B 268 8.88 -11.54 36.70
CA SER B 268 9.81 -11.41 37.82
C SER B 268 11.04 -10.63 37.42
N ASN B 269 11.39 -9.69 38.30
CA ASN B 269 12.60 -8.87 38.17
C ASN B 269 12.55 -7.88 37.01
N CYS B 270 11.42 -7.82 36.30
CA CYS B 270 11.30 -6.87 35.18
C CYS B 270 11.00 -5.49 35.73
N THR B 271 11.55 -4.43 35.13
CA THR B 271 11.36 -3.10 35.72
C THR B 271 9.96 -2.56 35.43
N ASN B 272 9.50 -1.63 36.26
CA ASN B 272 8.22 -0.96 36.01
C ASN B 272 8.23 -0.32 34.63
N GLU B 273 9.33 0.30 34.27
CA GLU B 273 9.44 0.96 32.97
C GLU B 273 9.25 0.01 31.77
N LEU B 274 9.95 -1.12 31.79
CA LEU B 274 9.81 -2.07 30.70
C LEU B 274 8.41 -2.70 30.69
N TYR B 275 7.79 -2.87 31.85
CA TYR B 275 6.42 -3.40 31.86
C TYR B 275 5.46 -2.36 31.27
N MET B 276 5.72 -1.09 31.56
CA MET B 276 4.87 0.00 31.02
C MET B 276 4.97 -0.05 29.49
N MET B 277 6.17 -0.29 28.99
CA MET B 277 6.35 -0.43 27.53
C MET B 277 5.56 -1.62 26.99
N MET B 278 5.65 -2.79 27.62
CA MET B 278 4.82 -3.93 27.18
C MET B 278 3.36 -3.55 27.14
N ARG B 279 2.86 -2.96 28.23
CA ARG B 279 1.44 -2.65 28.29
C ARG B 279 1.06 -1.59 27.26
N ASP B 280 1.96 -0.64 26.99
CA ASP B 280 1.73 0.34 25.91
C ASP B 280 1.61 -0.32 24.54
N CYS B 281 2.45 -1.32 24.28
CA CYS B 281 2.35 -2.12 23.06
C CYS B 281 1.02 -2.85 22.99
N TRP B 282 0.42 -3.15 24.14
CA TRP B 282 -0.84 -3.90 24.11
C TRP B 282 -2.05 -2.98 24.31
N HIS B 283 -1.94 -1.70 23.98
CA HIS B 283 -3.15 -0.88 23.88
C HIS B 283 -4.11 -1.52 22.87
N ALA B 284 -5.40 -1.56 23.23
CA ALA B 284 -6.42 -2.11 22.31
C ALA B 284 -6.45 -1.33 20.99
N VAL B 285 -6.26 -0.02 21.05
CA VAL B 285 -6.33 0.81 19.86
C VAL B 285 -4.96 0.98 19.21
N PRO B 286 -4.81 0.51 17.97
CA PRO B 286 -3.49 0.48 17.34
C PRO B 286 -2.74 1.83 17.37
N SER B 287 -3.43 2.95 17.10
CA SER B 287 -2.80 4.26 17.11
C SER B 287 -2.34 4.74 18.48
N GLN B 288 -2.84 4.09 19.53
CA GLN B 288 -2.37 4.39 20.87
C GLN B 288 -1.14 3.59 21.25
N ARG B 289 -0.75 2.61 20.44
CA ARG B 289 0.49 1.89 20.73
C ARG B 289 1.66 2.75 20.31
N PRO B 290 2.83 2.57 20.93
CA PRO B 290 3.99 3.27 20.38
C PRO B 290 4.28 2.78 18.96
N THR B 291 5.06 3.55 18.24
CA THR B 291 5.57 3.09 16.95
C THR B 291 6.93 2.44 17.18
N PHE B 292 7.45 1.74 16.19
CA PHE B 292 8.77 1.17 16.39
C PHE B 292 9.82 2.27 16.52
N LYS B 293 9.62 3.39 15.85
CA LYS B 293 10.54 4.52 15.99
C LYS B 293 10.63 5.02 17.44
N GLN B 294 9.47 5.16 18.08
CA GLN B 294 9.40 5.53 19.51
C GLN B 294 10.04 4.47 20.42
N LEU B 295 9.74 3.20 20.14
CA LEU B 295 10.29 2.13 20.97
C LEU B 295 11.81 2.14 20.94
N VAL B 296 12.37 2.33 19.74
CA VAL B 296 13.82 2.37 19.58
C VAL B 296 14.41 3.54 20.35
N GLU B 297 13.77 4.70 20.26
CA GLU B 297 14.21 5.88 21.01
C GLU B 297 14.22 5.59 22.50
N ASP B 298 13.12 5.06 23.03
CA ASP B 298 13.05 4.75 24.46
C ASP B 298 14.04 3.67 24.85
N LEU B 299 14.13 2.61 24.04
CA LEU B 299 15.01 1.52 24.43
C LEU B 299 16.46 1.98 24.37
N ASP B 300 16.76 2.94 23.50
CA ASP B 300 18.15 3.43 23.41
C ASP B 300 18.53 4.08 24.76
N ARG B 301 17.62 4.86 25.30
CA ARG B 301 17.84 5.50 26.62
C ARG B 301 18.02 4.42 27.66
N ILE B 302 17.10 3.45 27.71
CA ILE B 302 17.10 2.47 28.79
C ILE B 302 18.37 1.64 28.76
N VAL B 303 18.83 1.26 27.57
CA VAL B 303 20.08 0.53 27.48
C VAL B 303 21.24 1.34 28.08
N ALA B 304 21.33 2.61 27.71
CA ALA B 304 22.39 3.48 28.22
C ALA B 304 22.37 3.56 29.73
N LEU B 305 21.16 3.52 30.30
CA LEU B 305 20.98 3.72 31.75
C LEU B 305 20.95 2.43 32.55
N THR B 306 20.99 1.29 31.89
CA THR B 306 20.89 0.00 32.58
C THR B 306 22.29 -0.56 32.83
N SER B 307 22.52 -1.21 33.97
CA SER B 307 23.89 -1.71 34.23
C SER B 307 24.03 -3.21 33.97
N ASN B 308 25.27 -3.65 33.70
CA ASN B 308 25.54 -5.06 33.42
C ASN B 308 26.20 -5.79 34.59
C4 UKI C . -8.36 6.19 -19.02
C5 UKI C . -7.18 6.92 -19.11
C6 UKI C . -6.06 6.42 -18.51
N1 UKI C . -6.17 5.20 -17.86
N3 UKI C . -8.39 5.03 -18.35
CBG UKI C . -16.01 -1.43 -12.91
NBF UKI C . -15.49 -0.24 -13.62
CBH UKI C . -16.65 0.51 -14.13
CBE UKI C . -14.76 -0.77 -14.79
CBD UKI C . -13.47 -0.02 -15.13
NBC UKI C . -13.18 1.14 -14.27
SAZ UKI C . -13.03 2.61 -15.13
OBA UKI C . -14.42 3.14 -15.50
OBB UKI C . -12.27 3.60 -14.27
CAY UKI C . -12.09 2.41 -16.73
CAW UKI C . -10.73 2.07 -16.56
CAX UKI C . -9.70 2.96 -16.90
CAV UKI C . -10.39 0.80 -16.08
CAU UKI C . -9.06 0.44 -15.92
CAT UKI C . -8.06 1.35 -16.26
CAS UKI C . -8.35 2.60 -16.75
NAQ UKI C . -7.28 3.37 -17.05
C2 UKI C . -7.32 4.53 -17.75
OAG UKI C . -9.51 6.63 -19.63
CAH UKI C . -9.65 7.90 -20.17
CAM UKI C . -9.10 8.22 -21.40
CAL UKI C . -9.27 9.45 -21.94
CAP UKI C . -8.83 9.96 -23.11
CAO UKI C . -9.27 11.21 -23.16
CAR UKI C . -9.02 12.18 -24.30
NAN UKI C . -9.99 11.51 -22.06
CAK UKI C . -9.99 10.40 -21.30
CAJ UKI C . -10.55 10.16 -20.12
CAI UKI C . -10.41 8.89 -19.52
S SO4 D . -23.34 7.24 -6.48
O1 SO4 D . -23.96 8.42 -7.09
O2 SO4 D . -22.69 7.63 -5.23
O3 SO4 D . -24.35 6.24 -6.17
O4 SO4 D . -22.35 6.63 -7.38
S SO4 E . -18.75 7.88 -14.26
O1 SO4 E . -18.48 9.27 -14.63
O2 SO4 E . -19.61 7.82 -13.07
O3 SO4 E . -19.44 7.23 -15.38
O4 SO4 E . -17.50 7.16 -13.97
S SO4 F . -20.93 2.21 0.30
O1 SO4 F . -21.03 3.57 0.81
O2 SO4 F . -21.56 1.26 1.22
O3 SO4 F . -21.65 2.16 -0.97
O4 SO4 F . -19.55 1.82 0.07
S SO4 G . 5.57 14.38 -5.61
O1 SO4 G . 4.57 14.37 -6.67
O2 SO4 G . 5.09 15.23 -4.50
O3 SO4 G . 6.81 14.93 -6.14
O4 SO4 G . 5.81 13.04 -5.10
S SO4 H . -20.70 5.06 4.77
O1 SO4 H . -21.71 5.96 4.34
O2 SO4 H . -19.96 5.63 5.87
O3 SO4 H . -19.83 4.55 3.69
O4 SO4 H . -21.37 3.91 5.35
S SO4 I . -8.01 -1.82 -8.52
O1 SO4 I . -7.45 -0.55 -8.08
O2 SO4 I . -9.43 -1.66 -8.84
O3 SO4 I . -7.87 -2.80 -7.47
O4 SO4 I . -7.25 -2.20 -9.70
C1 GOL J . -12.92 7.68 -15.80
O1 GOL J . -12.99 7.61 -17.21
C2 GOL J . -14.27 7.54 -15.16
O2 GOL J . -14.45 6.22 -14.67
C3 GOL J . -15.38 7.91 -16.13
O3 GOL J . -15.91 9.20 -15.91
C4 UKI K . 18.18 -19.60 9.35
C5 UKI K . 18.83 -18.47 8.84
C6 UKI K . 20.02 -18.06 9.42
N1 UKI K . 20.52 -18.79 10.49
N3 UKI K . 18.71 -20.26 10.39
CBG UKI K . 19.25 -30.00 12.81
NBF UKI K . 19.96 -29.17 13.81
CBH UKI K . 19.65 -29.62 15.17
CBE UKI K . 19.54 -27.77 13.64
CBD UKI K . 20.69 -26.80 13.93
NBC UKI K . 20.63 -26.27 15.30
SAZ UKI K . 21.84 -25.08 15.54
OBA UKI K . 22.65 -25.38 16.82
OBB UKI K . 22.78 -25.01 14.33
CAY UKI K . 21.06 -23.46 15.75
CAW UKI K . 20.31 -23.07 14.64
CAX UKI K . 20.72 -22.00 13.84
CAV UKI K . 19.12 -23.71 14.35
CAU UKI K . 18.35 -23.29 13.27
CAT UKI K . 18.77 -22.22 12.49
CAS UKI K . 19.96 -21.56 12.75
NAQ UKI K . 20.44 -20.48 12.04
C2 UKI K . 19.86 -19.87 10.98
OAG UKI K . 17.02 -20.06 8.81
CAH UKI K . 16.41 -19.33 7.81
CAM UKI K . 16.90 -19.24 6.48
CAL UKI K . 16.20 -18.50 5.58
CAP UKI K . 16.42 -18.24 4.27
CAO UKI K . 15.42 -17.47 3.84
CAR UKI K . 15.23 -16.91 2.43
NAN UKI K . 14.57 -17.25 4.82
CAK UKI K . 15.05 -17.89 5.91
CAJ UKI K . 14.55 -17.96 7.15
CAI UKI K . 15.22 -18.68 8.12
S SO4 L . 25.56 -0.58 17.10
O1 SO4 L . 24.75 0.60 16.80
O2 SO4 L . 25.86 -0.63 18.52
O3 SO4 L . 24.88 -1.82 16.74
O4 SO4 L . 26.81 -0.48 16.35
S SO4 M . 10.08 -8.80 41.56
O1 SO4 M . 10.66 -8.89 42.90
O2 SO4 M . 8.72 -8.45 41.71
O3 SO4 M . 10.15 -10.00 40.81
O4 SO4 M . 10.82 -7.71 40.90
S SO4 N . -2.06 -22.64 -18.31
O1 SO4 N . -3.36 -23.22 -17.96
O2 SO4 N . -1.47 -22.03 -17.11
O3 SO4 N . -2.25 -21.63 -19.36
O4 SO4 N . -1.17 -23.68 -18.81
C1 GOL O . 27.15 -11.29 -5.65
O1 GOL O . 27.66 -12.60 -5.67
C2 GOL O . 28.24 -10.24 -5.89
O2 GOL O . 28.04 -9.42 -7.07
C3 GOL O . 28.25 -9.37 -4.63
O3 GOL O . 29.44 -8.61 -4.53
#